data_7S77
#
_entry.id   7S77
#
_cell.length_a   171.050
_cell.length_b   171.050
_cell.length_c   100.430
_cell.angle_alpha   90.000
_cell.angle_beta   90.000
_cell.angle_gamma   90.000
#
_symmetry.space_group_name_H-M   'P 41 21 2'
#
loop_
_entity.id
_entity.type
_entity.pdbx_description
1 polymer Phosphoglucomutase-1
2 non-polymer 'SULFATE ION'
3 water water
#
_entity_poly.entity_id   1
_entity_poly.type   'polypeptide(L)'
_entity_poly.pdbx_seq_one_letter_code
;MHHHHHHSSGVDLGTENLYFQSNMVKIVTVKTQAYQDQKPGTSGLRKRVKVFQSSANYAENFIQSIISTVEPAQRQEATL
VVGGDGRFYMKEAIQLIARIAAANGIGRLVIGQNGILSTPAVSCIIRKIKAIGGIILTASHNPGGPNGDFGIKFNISNGG
PAPEAITDKIFQISKTIEEYAVCPDLKVDLGVLGKQQFDLENKFKPFTVEIVDSVEAYATMLRSIFDFSALKELLSGPNR
LKIRIDAMHGVVGPYVKKILCEELGAPANSAVNCVPLEDFGGHHPDPNLTYAADLVETMKSGEHDFGAAFDGDGDRNMIL
GKHGFFVNPSDSVAVIAANIFSIPYFQQTGVRGFARSMPTSGALDRVASATKIALYETPTGWKFFGNLMDASKLSLCGEE
SFGTGSDHIREKDVLWAVLAWLSILATRKQSVEDILKDHWQKYGRNFFTRYDYEEVEAEGANKMMKDLEALMFDRSFVGK
QFSANDKVYTVEKADNFEYSDPVDGSISRNQGLRLIFTDGSRIVFRLSGTGSAGATIRLYIDSYEKDVAKINQDPQVMLA
PLISIALKVSQLQERTGRTAPTVIT
;
_entity_poly.pdbx_strand_id   A,B
#
loop_
_chem_comp.id
_chem_comp.type
_chem_comp.name
_chem_comp.formula
SO4 non-polymer 'SULFATE ION' 'O4 S -2'
#
# COMPACT_ATOMS: atom_id res chain seq x y z
N ASN A 23 34.10 -36.82 -13.44
CA ASN A 23 34.43 -36.92 -14.85
C ASN A 23 34.70 -35.53 -15.44
N MET A 24 35.98 -35.25 -15.78
CA MET A 24 36.46 -33.90 -16.10
C MET A 24 36.08 -33.49 -17.51
N VAL A 25 35.35 -32.34 -17.64
CA VAL A 25 34.89 -31.87 -18.94
C VAL A 25 35.88 -30.83 -19.46
N LYS A 26 36.18 -30.92 -20.76
CA LYS A 26 37.19 -30.04 -21.32
C LYS A 26 36.59 -28.64 -21.52
N ILE A 27 37.46 -27.64 -21.41
CA ILE A 27 37.17 -26.27 -21.82
C ILE A 27 38.05 -25.96 -23.02
N VAL A 28 37.46 -25.40 -24.08
CA VAL A 28 38.22 -25.01 -25.25
C VAL A 28 37.85 -23.59 -25.66
N THR A 29 38.85 -22.88 -26.21
CA THR A 29 38.66 -21.57 -26.80
C THR A 29 38.53 -21.70 -28.31
N VAL A 30 37.56 -20.99 -28.88
CA VAL A 30 37.20 -21.14 -30.28
C VAL A 30 37.35 -19.80 -31.00
N LYS A 31 38.24 -19.76 -31.99
CA LYS A 31 38.40 -18.54 -32.78
C LYS A 31 37.15 -18.29 -33.60
N THR A 32 36.90 -17.02 -33.94
CA THR A 32 35.63 -16.66 -34.55
C THR A 32 35.80 -15.35 -35.32
N GLN A 33 34.93 -15.15 -36.29
CA GLN A 33 34.82 -13.87 -36.98
C GLN A 33 33.67 -13.10 -36.35
N ALA A 34 33.83 -11.78 -36.19
CA ALA A 34 32.79 -10.94 -35.62
C ALA A 34 31.76 -10.53 -36.67
N TYR A 35 30.49 -10.67 -36.33
CA TYR A 35 29.39 -10.07 -37.08
C TYR A 35 29.14 -8.65 -36.60
N GLN A 36 28.41 -7.89 -37.42
CA GLN A 36 28.25 -6.46 -37.16
C GLN A 36 26.81 -6.03 -36.89
N ASP A 37 25.85 -6.94 -36.88
CA ASP A 37 24.44 -6.56 -36.70
C ASP A 37 23.79 -7.25 -35.50
N GLN A 38 24.55 -7.44 -34.42
CA GLN A 38 23.98 -8.00 -33.20
C GLN A 38 23.67 -6.92 -32.15
N LYS A 39 23.06 -5.80 -32.56
CA LYS A 39 22.59 -4.78 -31.62
C LYS A 39 21.23 -5.21 -31.06
N PRO A 40 21.06 -5.35 -29.74
CA PRO A 40 19.84 -5.98 -29.20
C PRO A 40 18.62 -5.08 -29.06
N GLY A 41 18.71 -3.97 -28.33
CA GLY A 41 17.50 -3.18 -28.11
C GLY A 41 16.54 -3.71 -27.03
N THR A 42 15.37 -3.05 -26.96
CA THR A 42 14.45 -3.27 -25.84
C THR A 42 13.89 -4.67 -25.79
N SER A 43 14.05 -5.45 -26.86
CA SER A 43 13.35 -6.72 -27.05
C SER A 43 14.28 -7.92 -27.07
N GLY A 44 15.58 -7.70 -27.05
CA GLY A 44 16.55 -8.75 -27.30
C GLY A 44 16.98 -8.74 -28.75
N LEU A 45 17.86 -9.67 -29.08
CA LEU A 45 18.22 -9.95 -30.47
C LEU A 45 17.18 -10.85 -31.10
N ARG A 46 16.56 -10.39 -32.20
CA ARG A 46 15.59 -11.18 -32.95
C ARG A 46 15.98 -11.19 -34.43
N LYS A 47 16.60 -12.28 -34.89
CA LYS A 47 16.90 -12.46 -36.30
C LYS A 47 16.21 -13.71 -36.83
N ARG A 48 16.08 -13.79 -38.17
CA ARG A 48 15.45 -14.92 -38.83
C ARG A 48 16.17 -16.21 -38.47
N VAL A 49 15.41 -17.32 -38.39
CA VAL A 49 16.09 -18.55 -37.99
C VAL A 49 17.12 -18.93 -39.04
N LYS A 50 16.82 -18.70 -40.33
CA LYS A 50 17.74 -19.09 -41.39
C LYS A 50 19.11 -18.46 -41.20
N VAL A 51 19.17 -17.22 -40.68
CA VAL A 51 20.47 -16.60 -40.49
C VAL A 51 21.19 -17.19 -39.28
N PHE A 52 20.45 -17.80 -38.34
CA PHE A 52 21.11 -18.55 -37.27
C PHE A 52 21.74 -19.83 -37.80
N GLN A 53 21.01 -20.55 -38.66
CA GLN A 53 21.52 -21.79 -39.24
C GLN A 53 22.57 -21.54 -40.30
N SER A 54 22.57 -20.37 -40.92
CA SER A 54 23.45 -20.12 -42.06
C SER A 54 24.59 -19.18 -41.73
N SER A 55 24.70 -18.73 -40.48
CA SER A 55 25.84 -17.95 -40.02
C SER A 55 26.52 -18.70 -38.89
N ALA A 56 27.78 -19.07 -39.11
CA ALA A 56 28.51 -19.90 -38.18
C ALA A 56 28.92 -19.09 -36.96
N ASN A 57 28.51 -19.55 -35.78
CA ASN A 57 28.84 -18.97 -34.48
C ASN A 57 28.02 -17.72 -34.17
N TYR A 58 26.97 -17.45 -34.95
CA TYR A 58 26.09 -16.34 -34.62
C TYR A 58 25.60 -16.44 -33.17
N ALA A 59 24.97 -17.56 -32.83
CA ALA A 59 24.46 -17.72 -31.47
C ALA A 59 25.57 -17.59 -30.44
N GLU A 60 26.73 -18.21 -30.71
CA GLU A 60 27.79 -18.29 -29.69
C GLU A 60 28.42 -16.94 -29.43
N ASN A 61 28.73 -16.17 -30.49
CA ASN A 61 29.26 -14.83 -30.32
C ASN A 61 28.37 -14.02 -29.39
N PHE A 62 27.06 -14.07 -29.62
CA PHE A 62 26.12 -13.26 -28.86
C PHE A 62 26.04 -13.72 -27.41
N ILE A 63 25.83 -15.01 -27.20
CA ILE A 63 25.84 -15.57 -25.85
C ILE A 63 27.15 -15.22 -25.13
N GLN A 64 28.29 -15.47 -25.81
CA GLN A 64 29.58 -15.07 -25.25
C GLN A 64 29.62 -13.57 -24.97
N SER A 65 29.06 -12.77 -25.87
CA SER A 65 29.07 -11.32 -25.66
C SER A 65 28.21 -10.93 -24.48
N ILE A 66 27.10 -11.64 -24.25
CA ILE A 66 26.26 -11.34 -23.10
C ILE A 66 27.04 -11.58 -21.82
N ILE A 67 27.64 -12.78 -21.72
CA ILE A 67 28.36 -13.22 -20.53
C ILE A 67 29.59 -12.36 -20.28
N SER A 68 30.21 -11.85 -21.33
CA SER A 68 31.36 -10.97 -21.19
C SER A 68 31.03 -9.65 -20.53
N THR A 69 29.75 -9.28 -20.41
CA THR A 69 29.45 -8.07 -19.65
C THR A 69 29.58 -8.29 -18.15
N VAL A 70 29.61 -9.55 -17.72
CA VAL A 70 29.77 -9.90 -16.32
C VAL A 70 31.26 -9.94 -16.00
N GLU A 71 31.74 -9.02 -15.15
CA GLU A 71 33.17 -8.97 -14.87
C GLU A 71 33.61 -10.30 -14.27
N PRO A 72 34.80 -10.80 -14.61
CA PRO A 72 35.07 -12.21 -14.34
C PRO A 72 35.13 -12.59 -12.87
N ALA A 73 35.53 -11.69 -11.96
CA ALA A 73 35.59 -12.10 -10.56
C ALA A 73 34.22 -12.32 -9.95
N GLN A 74 33.15 -11.89 -10.61
CA GLN A 74 31.80 -12.06 -10.10
C GLN A 74 31.01 -13.14 -10.84
N ARG A 75 31.68 -14.10 -11.47
CA ARG A 75 30.97 -15.14 -12.23
C ARG A 75 30.73 -16.42 -11.44
N GLN A 76 31.58 -16.74 -10.45
CA GLN A 76 31.35 -17.93 -9.66
C GLN A 76 30.14 -17.77 -8.75
N GLU A 77 30.04 -16.62 -8.09
CA GLU A 77 28.92 -16.33 -7.20
C GLU A 77 27.71 -15.80 -7.94
N ALA A 78 27.77 -15.75 -9.27
CA ALA A 78 26.65 -15.36 -10.10
C ALA A 78 25.85 -16.58 -10.54
N THR A 79 24.55 -16.37 -10.77
CA THR A 79 23.75 -17.37 -11.45
C THR A 79 22.85 -16.71 -12.50
N LEU A 80 22.72 -17.36 -13.66
CA LEU A 80 21.79 -16.93 -14.69
C LEU A 80 20.56 -17.83 -14.69
N VAL A 81 19.38 -17.23 -14.84
CA VAL A 81 18.16 -17.95 -15.13
C VAL A 81 17.97 -18.00 -16.65
N VAL A 82 17.92 -19.19 -17.22
CA VAL A 82 17.69 -19.27 -18.65
C VAL A 82 16.33 -19.93 -18.88
N GLY A 83 15.57 -19.42 -19.84
CA GLY A 83 14.23 -19.91 -20.03
C GLY A 83 13.70 -19.82 -21.45
N GLY A 84 12.87 -20.80 -21.83
CA GLY A 84 12.54 -21.02 -23.22
C GLY A 84 11.05 -21.09 -23.48
N ASP A 85 10.74 -20.91 -24.76
CA ASP A 85 9.41 -20.78 -25.36
C ASP A 85 8.68 -22.12 -25.51
N GLY A 86 9.36 -23.25 -25.44
CA GLY A 86 8.71 -24.51 -25.77
C GLY A 86 9.02 -25.01 -27.16
N ARG A 87 9.07 -24.08 -28.12
CA ARG A 87 9.13 -24.35 -29.54
C ARG A 87 10.40 -25.05 -30.02
N PHE A 88 10.51 -25.22 -31.34
CA PHE A 88 11.66 -25.90 -31.92
C PHE A 88 12.91 -25.03 -31.81
N TYR A 89 14.05 -25.71 -31.52
CA TYR A 89 15.42 -25.19 -31.43
C TYR A 89 15.79 -24.82 -30.00
N MET A 90 14.78 -24.64 -29.14
CA MET A 90 15.03 -24.10 -27.81
C MET A 90 15.98 -25.00 -27.01
N LYS A 91 15.72 -26.31 -26.99
CA LYS A 91 16.52 -27.20 -26.17
C LYS A 91 17.98 -27.21 -26.59
N GLU A 92 18.27 -27.05 -27.87
CA GLU A 92 19.67 -26.96 -28.29
C GLU A 92 20.29 -25.62 -27.87
N ALA A 93 19.55 -24.53 -28.03
CA ALA A 93 20.08 -23.24 -27.61
C ALA A 93 20.26 -23.18 -26.09
N ILE A 94 19.47 -23.93 -25.31
CA ILE A 94 19.73 -24.00 -23.87
C ILE A 94 21.02 -24.77 -23.59
N GLN A 95 21.22 -25.88 -24.29
CA GLN A 95 22.44 -26.64 -24.09
C GLN A 95 23.66 -25.79 -24.41
N LEU A 96 23.56 -24.95 -25.45
CA LEU A 96 24.68 -24.11 -25.84
C LEU A 96 24.98 -23.06 -24.77
N ILE A 97 23.94 -22.39 -24.27
CA ILE A 97 24.12 -21.40 -23.22
C ILE A 97 24.87 -22.02 -22.05
N ALA A 98 24.41 -23.19 -21.61
CA ALA A 98 25.11 -23.95 -20.58
C ALA A 98 26.57 -24.23 -21.00
N ARG A 99 26.77 -24.72 -22.23
CA ARG A 99 28.14 -25.05 -22.63
C ARG A 99 29.03 -23.82 -22.65
N ILE A 100 28.45 -22.63 -22.78
CA ILE A 100 29.27 -21.43 -22.80
C ILE A 100 29.37 -20.80 -21.42
N ALA A 101 28.25 -20.72 -20.69
CA ALA A 101 28.31 -20.13 -19.36
C ALA A 101 29.26 -20.90 -18.44
N ALA A 102 29.37 -22.21 -18.61
CA ALA A 102 30.27 -22.98 -17.75
C ALA A 102 31.71 -22.65 -18.04
N ALA A 103 32.07 -22.61 -19.33
CA ALA A 103 33.43 -22.29 -19.74
C ALA A 103 33.86 -20.90 -19.31
N ASN A 104 32.92 -19.99 -19.13
CA ASN A 104 33.29 -18.66 -18.65
C ASN A 104 33.30 -18.56 -17.14
N GLY A 105 32.97 -19.64 -16.43
CA GLY A 105 33.01 -19.62 -14.98
C GLY A 105 31.79 -19.04 -14.31
N ILE A 106 30.65 -18.94 -15.01
CA ILE A 106 29.38 -18.70 -14.33
C ILE A 106 29.10 -19.89 -13.41
N GLY A 107 28.80 -19.60 -12.14
CA GLY A 107 28.75 -20.66 -11.15
C GLY A 107 27.52 -21.54 -11.31
N ARG A 108 26.40 -20.95 -11.73
CA ARG A 108 25.15 -21.69 -11.69
C ARG A 108 24.15 -21.21 -12.73
N LEU A 109 23.48 -22.16 -13.38
CA LEU A 109 22.32 -21.84 -14.20
C LEU A 109 21.10 -22.39 -13.49
N VAL A 110 19.99 -21.65 -13.57
CA VAL A 110 18.69 -22.17 -13.22
C VAL A 110 17.87 -22.24 -14.52
N ILE A 111 17.36 -23.42 -14.81
CA ILE A 111 16.65 -23.72 -16.04
C ILE A 111 15.35 -24.41 -15.65
N GLY A 112 14.25 -24.00 -16.27
CA GLY A 112 13.00 -24.70 -16.04
C GLY A 112 12.98 -26.07 -16.71
N GLN A 113 12.34 -27.03 -16.05
CA GLN A 113 12.23 -28.39 -16.58
C GLN A 113 11.84 -28.36 -18.05
N ASN A 114 12.54 -29.17 -18.85
CA ASN A 114 12.39 -29.26 -20.29
C ASN A 114 12.70 -27.94 -21.01
N GLY A 115 13.34 -26.99 -20.34
CA GLY A 115 13.63 -25.69 -20.89
C GLY A 115 12.49 -24.70 -20.83
N ILE A 116 11.38 -25.04 -20.19
CA ILE A 116 10.17 -24.22 -20.17
C ILE A 116 10.24 -23.22 -19.02
N LEU A 117 10.25 -21.93 -19.36
CA LEU A 117 10.22 -20.87 -18.37
C LEU A 117 9.65 -19.68 -19.10
N SER A 118 8.43 -19.27 -18.73
CA SER A 118 7.80 -18.12 -19.31
C SER A 118 8.53 -16.86 -18.87
N THR A 119 8.26 -15.76 -19.56
CA THR A 119 9.00 -14.55 -19.22
C THR A 119 8.63 -13.97 -17.86
N PRO A 120 7.35 -13.94 -17.46
CA PRO A 120 7.08 -13.56 -16.06
C PRO A 120 7.77 -14.47 -15.07
N ALA A 121 7.89 -15.75 -15.42
CA ALA A 121 8.53 -16.73 -14.55
C ALA A 121 10.01 -16.44 -14.40
N VAL A 122 10.65 -15.97 -15.48
CA VAL A 122 12.08 -15.68 -15.42
C VAL A 122 12.31 -14.43 -14.59
N SER A 123 11.49 -13.41 -14.82
CA SER A 123 11.55 -12.19 -14.02
C SER A 123 11.34 -12.52 -12.55
N CYS A 124 10.32 -13.32 -12.26
CA CYS A 124 10.01 -13.76 -10.90
C CYS A 124 11.22 -14.41 -10.25
N ILE A 125 11.73 -15.49 -10.85
CA ILE A 125 12.82 -16.23 -10.23
C ILE A 125 14.06 -15.36 -10.08
N ILE A 126 14.39 -14.56 -11.11
CA ILE A 126 15.58 -13.71 -11.03
C ILE A 126 15.55 -12.89 -9.73
N ARG A 127 14.40 -12.26 -9.43
CA ARG A 127 14.30 -11.43 -8.23
C ARG A 127 14.21 -12.25 -6.93
N LYS A 128 13.57 -13.43 -6.95
CA LYS A 128 13.48 -14.21 -5.72
C LYS A 128 14.85 -14.70 -5.25
N ILE A 129 15.64 -15.27 -6.16
CA ILE A 129 16.93 -15.86 -5.83
C ILE A 129 18.09 -14.88 -6.01
N LYS A 130 17.80 -13.61 -6.29
CA LYS A 130 18.85 -12.60 -6.42
C LYS A 130 19.92 -13.03 -7.42
N ALA A 131 19.47 -13.34 -8.63
CA ALA A 131 20.38 -13.80 -9.66
C ALA A 131 20.95 -12.60 -10.46
N ILE A 132 22.05 -12.86 -11.17
CA ILE A 132 22.73 -11.77 -11.86
C ILE A 132 21.91 -11.35 -13.06
N GLY A 133 21.11 -12.26 -13.58
CA GLY A 133 20.22 -11.92 -14.68
C GLY A 133 19.63 -13.18 -15.27
N GLY A 134 19.19 -13.05 -16.52
CA GLY A 134 18.60 -14.19 -17.18
C GLY A 134 18.67 -14.07 -18.68
N ILE A 135 18.60 -15.22 -19.34
CA ILE A 135 18.46 -15.29 -20.78
C ILE A 135 17.11 -15.91 -21.10
N ILE A 136 16.35 -15.26 -21.97
CA ILE A 136 15.03 -15.72 -22.37
C ILE A 136 15.07 -16.02 -23.85
N LEU A 137 14.76 -17.26 -24.21
CA LEU A 137 14.66 -17.67 -25.59
C LEU A 137 13.20 -17.62 -26.02
N THR A 138 12.98 -17.27 -27.28
CA THR A 138 11.64 -17.11 -27.83
C THR A 138 11.71 -17.57 -29.28
N ALA A 139 10.54 -17.83 -29.88
CA ALA A 139 10.50 -18.18 -31.29
C ALA A 139 9.11 -17.95 -31.84
N SER A 140 9.03 -17.87 -33.16
CA SER A 140 7.78 -17.56 -33.82
C SER A 140 6.95 -18.83 -34.01
N HIS A 141 5.63 -18.64 -34.13
CA HIS A 141 4.74 -19.68 -34.61
C HIS A 141 5.11 -20.00 -36.05
N ASN A 142 5.65 -21.22 -36.27
CA ASN A 142 6.13 -21.76 -37.54
C ASN A 142 7.48 -21.15 -37.91
N PRO A 143 8.59 -21.68 -37.35
CA PRO A 143 9.95 -21.24 -37.68
C PRO A 143 10.57 -22.02 -38.85
N GLY A 144 9.85 -22.12 -39.97
CA GLY A 144 10.37 -22.78 -41.16
C GLY A 144 11.42 -21.93 -41.86
N GLY A 148 9.99 -17.07 -40.30
CA GLY A 148 10.13 -17.68 -38.98
C GLY A 148 11.44 -17.28 -38.33
N ASP A 149 11.41 -16.96 -37.04
CA ASP A 149 12.56 -16.33 -36.41
C ASP A 149 12.70 -16.74 -34.94
N PHE A 150 13.74 -16.21 -34.29
CA PHE A 150 14.24 -16.71 -33.02
C PHE A 150 14.89 -15.59 -32.22
N GLY A 151 14.49 -15.42 -30.96
CA GLY A 151 14.96 -14.33 -30.13
C GLY A 151 15.81 -14.79 -28.96
N ILE A 152 16.77 -13.94 -28.57
CA ILE A 152 17.64 -14.14 -27.41
C ILE A 152 17.66 -12.83 -26.65
N LYS A 153 17.00 -12.78 -25.49
CA LYS A 153 16.88 -11.54 -24.72
C LYS A 153 17.56 -11.68 -23.37
N PHE A 154 18.31 -10.66 -22.99
CA PHE A 154 19.07 -10.65 -21.75
C PHE A 154 18.35 -9.75 -20.74
N ASN A 155 18.07 -10.29 -19.56
CA ASN A 155 17.54 -9.50 -18.45
C ASN A 155 18.63 -9.37 -17.39
N ILE A 156 18.49 -8.34 -16.56
CA ILE A 156 19.50 -8.04 -15.55
C ILE A 156 19.00 -8.34 -14.14
N SER A 157 19.82 -8.00 -13.15
CA SER A 157 19.53 -8.34 -11.76
C SER A 157 18.14 -7.89 -11.30
N ASN A 158 17.58 -6.85 -11.89
CA ASN A 158 16.24 -6.44 -11.45
C ASN A 158 15.13 -7.27 -12.09
N GLY A 159 15.49 -8.23 -12.94
CA GLY A 159 14.52 -9.07 -13.59
C GLY A 159 13.86 -8.51 -14.82
N GLY A 160 14.20 -7.28 -15.20
CA GLY A 160 13.67 -6.66 -16.39
C GLY A 160 14.69 -6.71 -17.50
N PRO A 161 14.26 -6.38 -18.71
CA PRO A 161 15.19 -6.43 -19.84
C PRO A 161 16.34 -5.46 -19.60
N ALA A 162 17.53 -5.87 -19.98
CA ALA A 162 18.69 -5.01 -19.85
C ALA A 162 18.43 -3.65 -20.54
N PRO A 163 18.86 -2.55 -19.93
CA PRO A 163 18.68 -1.22 -20.52
C PRO A 163 19.71 -0.89 -21.61
N GLU A 164 19.48 0.27 -22.27
CA GLU A 164 20.33 0.68 -23.40
C GLU A 164 21.81 0.71 -23.02
N ALA A 165 22.13 1.19 -21.81
CA ALA A 165 23.53 1.24 -21.40
C ALA A 165 24.20 -0.11 -21.62
N ILE A 166 23.52 -1.20 -21.27
CA ILE A 166 24.12 -2.52 -21.31
C ILE A 166 23.90 -3.21 -22.64
N THR A 167 22.76 -3.01 -23.31
CA THR A 167 22.66 -3.51 -24.69
C THR A 167 23.70 -2.90 -25.61
N ASP A 168 24.09 -1.64 -25.36
CA ASP A 168 25.18 -1.07 -26.15
C ASP A 168 26.51 -1.78 -25.88
N LYS A 169 26.77 -2.19 -24.63
CA LYS A 169 27.99 -2.93 -24.35
C LYS A 169 27.97 -4.30 -25.02
N ILE A 170 26.79 -4.95 -25.03
CA ILE A 170 26.69 -6.26 -25.69
C ILE A 170 27.01 -6.15 -27.17
N PHE A 171 26.49 -5.12 -27.84
CA PHE A 171 26.77 -4.87 -29.25
C PHE A 171 28.24 -4.55 -29.46
N GLN A 172 28.82 -3.70 -28.59
CA GLN A 172 30.22 -3.35 -28.75
C GLN A 172 31.08 -4.59 -28.70
N ILE A 173 30.83 -5.46 -27.72
CA ILE A 173 31.61 -6.69 -27.60
C ILE A 173 31.42 -7.57 -28.82
N SER A 174 30.16 -7.78 -29.21
CA SER A 174 29.89 -8.71 -30.30
C SER A 174 30.54 -8.25 -31.60
N LYS A 175 30.77 -6.95 -31.74
CA LYS A 175 31.33 -6.42 -32.97
C LYS A 175 32.84 -6.61 -33.10
N THR A 176 33.53 -6.80 -31.97
CA THR A 176 34.98 -7.00 -31.95
C THR A 176 35.38 -8.35 -31.36
N ILE A 177 34.41 -9.23 -31.07
CA ILE A 177 34.74 -10.54 -30.51
C ILE A 177 35.61 -11.32 -31.48
N GLU A 178 36.72 -11.87 -30.98
CA GLU A 178 37.60 -12.73 -31.77
C GLU A 178 37.57 -14.18 -31.31
N GLU A 179 36.99 -14.46 -30.15
CA GLU A 179 37.01 -15.82 -29.59
C GLU A 179 35.96 -15.96 -28.49
N TYR A 180 35.43 -17.17 -28.37
CA TYR A 180 34.58 -17.51 -27.24
C TYR A 180 35.07 -18.81 -26.58
N ALA A 181 34.57 -19.06 -25.38
CA ALA A 181 34.89 -20.27 -24.62
C ALA A 181 33.69 -21.19 -24.57
N VAL A 182 33.94 -22.49 -24.60
CA VAL A 182 32.85 -23.48 -24.53
C VAL A 182 33.35 -24.77 -23.88
N CYS A 183 32.43 -25.46 -23.20
CA CYS A 183 32.63 -26.86 -22.85
C CYS A 183 31.92 -27.73 -23.88
N PRO A 184 32.63 -28.20 -24.91
CA PRO A 184 31.92 -28.86 -26.00
C PRO A 184 31.37 -30.21 -25.61
N ASP A 185 31.90 -30.81 -24.54
CA ASP A 185 31.46 -32.12 -24.10
C ASP A 185 30.24 -32.09 -23.17
N LEU A 186 29.88 -30.90 -22.65
CA LEU A 186 28.94 -30.78 -21.53
C LEU A 186 27.50 -30.89 -22.01
N LYS A 187 26.72 -31.75 -21.36
CA LYS A 187 25.32 -31.95 -21.69
C LYS A 187 24.49 -31.94 -20.42
N VAL A 188 23.30 -31.34 -20.49
CA VAL A 188 22.42 -31.15 -19.34
C VAL A 188 21.10 -31.84 -19.62
N ASP A 189 20.63 -32.66 -18.68
CA ASP A 189 19.32 -33.32 -18.82
C ASP A 189 18.25 -32.34 -18.32
N LEU A 190 17.65 -31.60 -19.25
CA LEU A 190 16.76 -30.52 -18.88
C LEU A 190 15.44 -31.01 -18.30
N GLY A 191 15.11 -32.29 -18.46
CA GLY A 191 13.85 -32.76 -17.95
C GLY A 191 13.88 -33.45 -16.59
N VAL A 192 15.02 -33.44 -15.91
CA VAL A 192 15.16 -34.08 -14.61
C VAL A 192 15.39 -32.98 -13.58
N LEU A 193 14.47 -32.87 -12.62
CA LEU A 193 14.51 -31.86 -11.56
C LEU A 193 15.76 -31.97 -10.69
N GLY A 194 16.07 -30.87 -10.02
CA GLY A 194 17.11 -30.86 -9.01
C GLY A 194 18.47 -30.46 -9.54
N LYS A 195 19.47 -30.59 -8.66
CA LYS A 195 20.80 -30.07 -8.92
C LYS A 195 21.65 -31.09 -9.67
N GLN A 196 22.33 -30.64 -10.72
CA GLN A 196 23.40 -31.41 -11.33
C GLN A 196 24.69 -30.59 -11.31
N GLN A 197 25.80 -31.30 -11.17
CA GLN A 197 27.08 -30.65 -11.00
C GLN A 197 28.05 -31.15 -12.07
N PHE A 198 28.98 -30.28 -12.41
CA PHE A 198 29.91 -30.57 -13.49
C PHE A 198 31.30 -30.18 -13.05
N ASP A 199 32.26 -31.07 -13.25
CA ASP A 199 33.65 -30.79 -12.89
C ASP A 199 34.38 -30.39 -14.17
N LEU A 200 34.77 -29.12 -14.25
CA LEU A 200 35.46 -28.62 -15.43
C LEU A 200 36.96 -28.67 -15.19
N GLU A 201 37.72 -29.05 -16.22
CA GLU A 201 39.17 -29.17 -16.08
C GLU A 201 39.77 -27.80 -15.81
N ASN A 202 40.69 -27.76 -14.86
CA ASN A 202 41.38 -26.56 -14.40
C ASN A 202 40.48 -25.59 -13.65
N LYS A 203 39.35 -26.06 -13.13
CA LYS A 203 38.48 -25.27 -12.26
C LYS A 203 38.30 -26.01 -10.95
N PHE A 204 38.18 -25.25 -9.86
CA PHE A 204 38.05 -25.83 -8.54
C PHE A 204 36.61 -26.00 -8.13
N LYS A 205 35.79 -24.95 -8.26
CA LYS A 205 34.39 -25.09 -7.94
C LYS A 205 33.67 -25.82 -9.09
N PRO A 206 32.75 -26.73 -8.78
CA PRO A 206 31.97 -27.37 -9.85
C PRO A 206 30.92 -26.43 -10.39
N PHE A 207 30.68 -26.56 -11.69
CA PHE A 207 29.59 -25.86 -12.34
C PHE A 207 28.27 -26.54 -12.00
N THR A 208 27.30 -25.73 -11.57
CA THR A 208 26.03 -26.22 -11.06
C THR A 208 24.89 -25.79 -11.97
N VAL A 209 23.94 -26.70 -12.18
CA VAL A 209 22.71 -26.41 -12.90
C VAL A 209 21.55 -26.91 -12.04
N GLU A 210 20.64 -25.99 -11.69
CA GLU A 210 19.41 -26.29 -10.96
C GLU A 210 18.23 -26.36 -11.94
N ILE A 211 17.70 -27.55 -12.15
CA ILE A 211 16.47 -27.69 -12.93
C ILE A 211 15.28 -27.51 -11.99
N VAL A 212 14.41 -26.54 -12.28
CA VAL A 212 13.31 -26.18 -11.41
C VAL A 212 11.99 -26.42 -12.12
N ASP A 213 10.97 -26.75 -11.33
CA ASP A 213 9.60 -26.82 -11.82
C ASP A 213 9.27 -25.52 -12.55
N SER A 214 8.81 -25.66 -13.80
CA SER A 214 8.52 -24.49 -14.64
C SER A 214 7.49 -23.56 -14.03
N VAL A 215 6.52 -24.10 -13.29
CA VAL A 215 5.40 -23.32 -12.78
C VAL A 215 5.54 -22.94 -11.31
N GLU A 216 6.35 -23.67 -10.53
CA GLU A 216 6.26 -23.62 -9.07
C GLU A 216 6.47 -22.20 -8.53
N ALA A 217 7.67 -21.64 -8.75
CA ALA A 217 7.96 -20.32 -8.20
C ALA A 217 6.91 -19.31 -8.61
N TYR A 218 6.51 -19.34 -9.89
CA TYR A 218 5.53 -18.37 -10.39
C TYR A 218 4.20 -18.49 -9.65
N ALA A 219 3.66 -19.71 -9.53
CA ALA A 219 2.41 -19.89 -8.81
C ALA A 219 2.51 -19.58 -7.30
N THR A 220 3.66 -19.79 -6.67
CA THR A 220 3.80 -19.34 -5.28
C THR A 220 3.67 -17.82 -5.20
N MET A 221 4.27 -17.10 -6.15
CA MET A 221 4.13 -15.65 -6.15
C MET A 221 2.67 -15.25 -6.32
N LEU A 222 1.98 -15.87 -7.28
CA LEU A 222 0.59 -15.50 -7.53
C LEU A 222 -0.30 -15.84 -6.34
N ARG A 223 0.06 -16.90 -5.62
CA ARG A 223 -0.67 -17.30 -4.43
C ARG A 223 -0.50 -16.29 -3.30
N SER A 224 0.60 -15.53 -3.32
CA SER A 224 0.79 -14.47 -2.33
CA SER A 224 0.81 -14.47 -2.35
C SER A 224 0.20 -13.14 -2.77
N ILE A 225 -0.18 -12.98 -4.04
CA ILE A 225 -0.73 -11.74 -4.54
C ILE A 225 -2.25 -11.72 -4.52
N PHE A 226 -2.87 -12.83 -4.93
CA PHE A 226 -4.32 -12.92 -5.00
C PHE A 226 -4.86 -13.81 -3.90
N ASP A 227 -6.19 -13.85 -3.78
CA ASP A 227 -6.89 -14.66 -2.80
C ASP A 227 -7.31 -15.99 -3.45
N PHE A 228 -6.39 -16.96 -3.45
CA PHE A 228 -6.73 -18.25 -4.05
C PHE A 228 -7.93 -18.93 -3.38
N SER A 229 -8.24 -18.60 -2.12
CA SER A 229 -9.46 -19.10 -1.51
C SER A 229 -10.69 -18.55 -2.21
N ALA A 230 -10.73 -17.22 -2.40
CA ALA A 230 -11.85 -16.59 -3.11
C ALA A 230 -11.97 -17.09 -4.53
N LEU A 231 -10.85 -17.24 -5.22
CA LEU A 231 -10.91 -17.72 -6.60
C LEU A 231 -11.37 -19.17 -6.67
N LYS A 232 -10.93 -20.03 -5.72
CA LYS A 232 -11.43 -21.41 -5.73
C LYS A 232 -12.94 -21.44 -5.55
N GLU A 233 -13.50 -20.55 -4.72
CA GLU A 233 -14.95 -20.55 -4.54
C GLU A 233 -15.64 -19.96 -5.76
N LEU A 234 -14.94 -19.14 -6.55
CA LEU A 234 -15.52 -18.56 -7.76
C LEU A 234 -15.60 -19.55 -8.92
N LEU A 235 -14.72 -20.56 -8.98
CA LEU A 235 -14.64 -21.44 -10.14
C LEU A 235 -15.08 -22.87 -9.88
N SER A 236 -15.57 -23.17 -8.68
CA SER A 236 -16.05 -24.51 -8.36
C SER A 236 -17.40 -24.35 -7.65
N GLY A 237 -18.27 -25.33 -7.85
CA GLY A 237 -19.60 -25.30 -7.29
C GLY A 237 -20.66 -25.16 -8.36
N PRO A 238 -21.94 -25.29 -7.99
CA PRO A 238 -22.99 -25.15 -9.01
C PRO A 238 -23.21 -23.72 -9.43
N ASN A 239 -23.07 -22.76 -8.51
CA ASN A 239 -23.14 -21.34 -8.84
C ASN A 239 -21.81 -20.80 -9.32
N ARG A 240 -20.94 -21.65 -9.87
CA ARG A 240 -19.62 -21.20 -10.24
C ARG A 240 -19.66 -20.25 -11.42
N LEU A 241 -18.49 -19.69 -11.72
CA LEU A 241 -18.31 -18.79 -12.85
C LEU A 241 -17.52 -19.52 -13.91
N LYS A 242 -18.11 -19.64 -15.11
CA LYS A 242 -17.55 -20.47 -16.18
C LYS A 242 -16.63 -19.65 -17.08
N ILE A 243 -15.39 -20.11 -17.21
CA ILE A 243 -14.36 -19.38 -17.94
C ILE A 243 -13.76 -20.25 -19.03
N ARG A 244 -13.29 -19.59 -20.10
CA ARG A 244 -12.55 -20.23 -21.18
C ARG A 244 -11.27 -19.42 -21.42
N ILE A 245 -10.11 -20.07 -21.26
CA ILE A 245 -8.83 -19.41 -21.45
C ILE A 245 -8.07 -20.15 -22.54
N ASP A 246 -7.86 -19.47 -23.66
CA ASP A 246 -7.18 -20.01 -24.84
C ASP A 246 -5.75 -19.46 -24.79
N ALA A 247 -4.78 -20.35 -24.58
CA ALA A 247 -3.38 -19.95 -24.53
C ALA A 247 -2.68 -20.13 -25.87
N MET A 248 -3.42 -20.54 -26.90
CA MET A 248 -2.97 -20.48 -28.29
C MET A 248 -1.59 -21.10 -28.45
N HIS A 249 -1.34 -22.17 -27.67
CA HIS A 249 -0.19 -23.06 -27.85
C HIS A 249 1.16 -22.40 -27.50
N GLY A 250 1.15 -21.38 -26.62
CA GLY A 250 2.37 -20.75 -26.16
C GLY A 250 2.75 -21.16 -24.75
N VAL A 251 3.78 -20.48 -24.23
CA VAL A 251 4.42 -20.92 -22.97
C VAL A 251 3.49 -20.78 -21.78
N VAL A 252 2.51 -19.86 -21.82
CA VAL A 252 1.69 -19.70 -20.64
C VAL A 252 0.79 -20.92 -20.39
N GLY A 253 0.51 -21.70 -21.43
CA GLY A 253 -0.26 -22.93 -21.31
C GLY A 253 -0.13 -23.68 -20.01
N PRO A 254 1.06 -24.20 -19.69
CA PRO A 254 1.19 -24.99 -18.47
C PRO A 254 0.90 -24.19 -17.22
N TYR A 255 1.15 -22.89 -17.22
CA TYR A 255 0.80 -22.05 -16.09
C TYR A 255 -0.71 -21.92 -15.94
N VAL A 256 -1.44 -21.90 -17.05
CA VAL A 256 -2.91 -21.82 -16.98
C VAL A 256 -3.48 -23.11 -16.41
N LYS A 257 -3.13 -24.23 -17.01
CA LYS A 257 -3.61 -25.53 -16.52
C LYS A 257 -3.28 -25.71 -15.04
N LYS A 258 -2.02 -25.47 -14.65
CA LYS A 258 -1.64 -25.71 -13.26
C LYS A 258 -2.35 -24.76 -12.31
N ILE A 259 -2.34 -23.46 -12.60
CA ILE A 259 -2.84 -22.50 -11.63
C ILE A 259 -4.36 -22.42 -11.66
N LEU A 260 -4.95 -22.39 -12.87
CA LEU A 260 -6.39 -22.15 -12.98
C LEU A 260 -7.21 -23.42 -12.86
N CYS A 261 -6.68 -24.57 -13.27
CA CYS A 261 -7.44 -25.82 -13.18
C CYS A 261 -7.06 -26.62 -11.94
N GLU A 262 -5.79 -27.05 -11.87
CA GLU A 262 -5.37 -27.98 -10.83
C GLU A 262 -5.44 -27.36 -9.45
N GLU A 263 -5.05 -26.08 -9.33
CA GLU A 263 -5.00 -25.41 -8.03
C GLU A 263 -6.33 -24.72 -7.69
N LEU A 264 -6.83 -23.88 -8.60
CA LEU A 264 -8.04 -23.13 -8.33
C LEU A 264 -9.33 -23.93 -8.59
N GLY A 265 -9.29 -24.98 -9.40
CA GLY A 265 -10.42 -25.87 -9.50
C GLY A 265 -11.35 -25.72 -10.69
N ALA A 266 -11.03 -24.85 -11.65
CA ALA A 266 -11.86 -24.76 -12.85
C ALA A 266 -11.83 -26.08 -13.60
N PRO A 267 -12.94 -26.49 -14.19
CA PRO A 267 -12.95 -27.79 -14.88
C PRO A 267 -11.86 -27.85 -15.92
N ALA A 268 -11.43 -29.07 -16.25
CA ALA A 268 -10.29 -29.21 -17.16
C ALA A 268 -10.59 -28.54 -18.50
N ASN A 269 -11.83 -28.66 -18.97
CA ASN A 269 -12.23 -28.02 -20.21
C ASN A 269 -12.24 -26.49 -20.13
N SER A 270 -11.89 -25.88 -19.00
CA SER A 270 -11.84 -24.42 -18.95
C SER A 270 -10.62 -23.89 -19.69
N ALA A 271 -9.47 -24.50 -19.49
CA ALA A 271 -8.23 -24.08 -20.14
C ALA A 271 -8.04 -24.86 -21.43
N VAL A 272 -7.73 -24.16 -22.51
CA VAL A 272 -7.72 -24.71 -23.86
C VAL A 272 -6.40 -24.38 -24.53
N ASN A 273 -5.89 -25.32 -25.33
CA ASN A 273 -4.64 -25.16 -26.07
C ASN A 273 -3.49 -24.79 -25.14
N CYS A 274 -3.35 -25.54 -24.05
CA CYS A 274 -2.41 -25.23 -22.98
C CYS A 274 -1.15 -26.08 -23.01
N VAL A 275 -0.85 -26.74 -24.12
CA VAL A 275 0.39 -27.47 -24.33
C VAL A 275 1.17 -26.78 -25.45
N PRO A 276 2.38 -26.29 -25.18
CA PRO A 276 3.12 -25.57 -26.22
C PRO A 276 3.54 -26.51 -27.35
N LEU A 277 3.30 -26.08 -28.58
CA LEU A 277 3.57 -26.85 -29.78
C LEU A 277 4.89 -26.39 -30.41
N GLU A 278 5.72 -27.34 -30.82
CA GLU A 278 7.05 -27.02 -31.32
C GLU A 278 7.01 -26.34 -32.70
N ASP A 279 5.89 -26.40 -33.42
CA ASP A 279 5.79 -25.84 -34.76
C ASP A 279 4.33 -25.54 -35.11
N PHE A 280 4.10 -25.10 -36.35
CA PHE A 280 2.76 -24.91 -36.93
C PHE A 280 2.70 -25.37 -38.38
N THR A 290 -1.52 -15.42 -34.38
CA THR A 290 -2.32 -15.50 -35.59
C THR A 290 -3.81 -15.69 -35.24
N TYR A 291 -4.55 -14.56 -35.15
CA TYR A 291 -5.99 -14.47 -34.88
C TYR A 291 -6.37 -14.79 -33.43
N ALA A 292 -7.64 -14.48 -33.10
CA ALA A 292 -8.23 -14.70 -31.78
C ALA A 292 -9.69 -15.14 -31.89
N ALA A 293 -10.13 -15.54 -33.09
CA ALA A 293 -11.55 -15.64 -33.36
C ALA A 293 -12.17 -16.92 -32.82
N ASP A 294 -11.36 -17.91 -32.46
CA ASP A 294 -11.94 -19.09 -31.82
C ASP A 294 -12.65 -18.70 -30.54
N LEU A 295 -12.01 -17.85 -29.74
CA LEU A 295 -12.65 -17.39 -28.50
C LEU A 295 -13.92 -16.60 -28.79
N VAL A 296 -13.85 -15.63 -29.71
CA VAL A 296 -15.02 -14.81 -29.99
C VAL A 296 -16.22 -15.69 -30.37
N GLU A 297 -16.01 -16.71 -31.19
CA GLU A 297 -17.12 -17.57 -31.59
C GLU A 297 -17.71 -18.32 -30.38
N THR A 298 -16.86 -18.92 -29.55
CA THR A 298 -17.42 -19.71 -28.45
C THR A 298 -18.08 -18.80 -27.42
N MET A 299 -17.51 -17.62 -27.17
CA MET A 299 -18.18 -16.73 -26.23
C MET A 299 -19.55 -16.30 -26.74
N LYS A 300 -19.69 -16.09 -28.06
CA LYS A 300 -21.01 -15.71 -28.59
C LYS A 300 -22.08 -16.76 -28.28
N SER A 301 -21.70 -18.01 -28.02
CA SER A 301 -22.69 -19.02 -27.68
C SER A 301 -23.45 -18.68 -26.41
N GLY A 302 -22.73 -18.32 -25.35
CA GLY A 302 -23.38 -17.87 -24.12
C GLY A 302 -23.14 -18.73 -22.89
N GLU A 303 -22.37 -19.82 -22.98
CA GLU A 303 -22.13 -20.65 -21.81
C GLU A 303 -21.24 -19.93 -20.80
N HIS A 304 -20.12 -19.38 -21.27
CA HIS A 304 -19.10 -18.89 -20.36
C HIS A 304 -19.39 -17.44 -19.94
N ASP A 305 -18.93 -17.09 -18.73
CA ASP A 305 -19.09 -15.75 -18.18
C ASP A 305 -17.90 -14.86 -18.45
N PHE A 306 -16.75 -15.44 -18.78
CA PHE A 306 -15.51 -14.70 -18.88
C PHE A 306 -14.57 -15.47 -19.79
N GLY A 307 -13.99 -14.78 -20.77
CA GLY A 307 -13.07 -15.41 -21.70
C GLY A 307 -11.79 -14.62 -21.82
N ALA A 308 -10.72 -15.34 -22.14
CA ALA A 308 -9.44 -14.67 -22.36
C ALA A 308 -8.64 -15.47 -23.37
N ALA A 309 -8.04 -14.79 -24.34
CA ALA A 309 -7.14 -15.46 -25.27
C ALA A 309 -5.81 -14.73 -25.35
N PHE A 310 -4.73 -15.50 -25.45
CA PHE A 310 -3.36 -15.01 -25.58
C PHE A 310 -2.81 -15.36 -26.96
N ASP A 311 -1.78 -14.64 -27.41
CA ASP A 311 -1.12 -15.05 -28.64
C ASP A 311 0.09 -15.94 -28.29
N GLY A 312 0.78 -16.41 -29.33
CA GLY A 312 1.91 -17.30 -29.11
C GLY A 312 2.99 -16.67 -28.25
N ASP A 313 3.26 -15.39 -28.47
CA ASP A 313 4.30 -14.71 -27.71
C ASP A 313 3.89 -14.45 -26.26
N GLY A 314 2.59 -14.53 -25.94
CA GLY A 314 2.12 -14.11 -24.64
C GLY A 314 2.02 -12.61 -24.47
N ASP A 315 2.00 -11.84 -25.56
CA ASP A 315 1.90 -10.38 -25.56
C ASP A 315 0.47 -9.94 -25.81
N ARG A 316 0.14 -9.63 -27.06
CA ARG A 316 -1.21 -9.22 -27.44
C ARG A 316 -2.26 -10.21 -26.96
N ASN A 317 -3.37 -9.70 -26.42
CA ASN A 317 -4.31 -10.60 -25.80
C ASN A 317 -5.69 -9.95 -25.68
N MET A 318 -6.67 -10.79 -25.38
CA MET A 318 -8.06 -10.41 -25.44
C MET A 318 -8.78 -10.86 -24.19
N ILE A 319 -9.75 -10.03 -23.77
CA ILE A 319 -10.61 -10.32 -22.64
C ILE A 319 -12.05 -10.08 -23.08
N LEU A 320 -12.87 -11.12 -23.05
CA LEU A 320 -14.26 -11.02 -23.44
C LEU A 320 -15.18 -11.29 -22.24
N GLY A 321 -16.38 -10.70 -22.26
CA GLY A 321 -17.41 -11.01 -21.32
C GLY A 321 -18.48 -11.91 -21.92
N LYS A 322 -19.55 -12.14 -21.14
CA LYS A 322 -20.56 -13.05 -21.66
C LYS A 322 -21.08 -12.52 -22.98
N HIS A 323 -21.44 -13.45 -23.85
CA HIS A 323 -21.97 -13.16 -25.19
C HIS A 323 -20.97 -12.45 -26.10
N GLY A 324 -19.71 -12.37 -25.72
CA GLY A 324 -18.72 -11.74 -26.57
C GLY A 324 -18.41 -10.30 -26.26
N PHE A 325 -19.01 -9.74 -25.21
CA PHE A 325 -18.70 -8.39 -24.75
C PHE A 325 -17.20 -8.14 -24.70
N PHE A 326 -16.74 -7.12 -25.45
CA PHE A 326 -15.33 -6.80 -25.58
C PHE A 326 -14.85 -5.81 -24.53
N VAL A 327 -13.77 -6.14 -23.84
CA VAL A 327 -13.14 -5.24 -22.89
C VAL A 327 -11.90 -4.66 -23.53
N ASN A 328 -11.92 -3.35 -23.69
CA ASN A 328 -10.79 -2.66 -24.27
C ASN A 328 -9.58 -2.66 -23.33
N PRO A 329 -8.39 -3.05 -23.78
CA PRO A 329 -7.21 -3.05 -22.88
C PRO A 329 -7.04 -1.77 -22.10
N SER A 330 -7.33 -0.62 -22.70
CA SER A 330 -7.24 0.64 -21.97
C SER A 330 -8.29 0.71 -20.88
N ASP A 331 -9.44 0.04 -21.06
CA ASP A 331 -10.48 0.04 -20.03
C ASP A 331 -10.13 -0.92 -18.87
N SER A 332 -9.48 -2.06 -19.14
CA SER A 332 -9.08 -2.96 -18.06
C SER A 332 -8.20 -2.25 -17.06
N VAL A 333 -7.16 -1.56 -17.58
CA VAL A 333 -6.28 -0.80 -16.70
C VAL A 333 -7.10 0.04 -15.75
N ALA A 334 -8.17 0.64 -16.27
CA ALA A 334 -8.93 1.56 -15.45
C ALA A 334 -9.86 0.78 -14.52
N VAL A 335 -10.57 -0.21 -15.06
CA VAL A 335 -11.44 -1.00 -14.19
C VAL A 335 -10.63 -1.62 -13.04
N ILE A 336 -9.44 -2.12 -13.34
CA ILE A 336 -8.64 -2.73 -12.31
C ILE A 336 -8.21 -1.68 -11.30
N ALA A 337 -7.73 -0.54 -11.80
CA ALA A 337 -7.32 0.56 -10.93
C ALA A 337 -8.45 0.96 -9.98
N ALA A 338 -9.67 1.11 -10.51
CA ALA A 338 -10.79 1.55 -9.69
C ALA A 338 -11.26 0.48 -8.69
N ASN A 339 -10.83 -0.78 -8.85
CA ASN A 339 -11.22 -1.87 -7.98
C ASN A 339 -9.98 -2.50 -7.38
N ILE A 340 -8.89 -1.73 -7.33
CA ILE A 340 -7.57 -2.30 -7.09
C ILE A 340 -7.45 -2.95 -5.73
N PHE A 341 -8.26 -2.55 -4.76
CA PHE A 341 -8.12 -3.13 -3.42
C PHE A 341 -8.86 -4.44 -3.25
N SER A 342 -9.59 -4.90 -4.27
CA SER A 342 -10.07 -6.26 -4.27
C SER A 342 -8.95 -7.28 -4.36
N ILE A 343 -7.69 -6.84 -4.43
CA ILE A 343 -6.57 -7.74 -4.65
C ILE A 343 -5.65 -7.61 -3.45
N PRO A 344 -5.42 -8.70 -2.70
CA PRO A 344 -4.71 -8.61 -1.40
C PRO A 344 -3.38 -7.93 -1.49
N TYR A 345 -2.72 -8.04 -2.64
CA TYR A 345 -1.39 -7.48 -2.81
C TYR A 345 -1.40 -5.98 -2.61
N PHE A 346 -2.32 -5.29 -3.28
CA PHE A 346 -2.35 -3.84 -3.16
C PHE A 346 -2.96 -3.43 -1.84
N GLN A 347 -3.96 -4.19 -1.39
CA GLN A 347 -4.56 -4.01 -0.08
C GLN A 347 -3.52 -4.02 1.03
N GLN A 348 -2.38 -4.70 0.82
CA GLN A 348 -1.38 -4.90 1.84
C GLN A 348 -0.12 -4.10 1.61
N THR A 349 0.15 -3.70 0.37
CA THR A 349 1.36 -3.02 -0.07
C THR A 349 1.15 -1.55 -0.39
N GLY A 350 -0.06 -1.16 -0.73
CA GLY A 350 -0.33 0.18 -1.20
C GLY A 350 -0.29 0.25 -2.71
N VAL A 351 -0.76 1.39 -3.20
CA VAL A 351 -0.67 1.77 -4.60
C VAL A 351 0.32 2.92 -4.64
N ARG A 352 1.57 2.64 -5.00
CA ARG A 352 2.55 3.72 -4.94
C ARG A 352 2.50 4.64 -6.17
N GLY A 353 1.68 4.31 -7.16
CA GLY A 353 1.62 5.14 -8.33
C GLY A 353 0.94 4.46 -9.50
N PHE A 354 0.40 5.27 -10.40
CA PHE A 354 -0.31 4.81 -11.59
C PHE A 354 0.44 5.24 -12.84
N ALA A 355 0.47 4.40 -13.86
CA ALA A 355 1.15 4.86 -15.06
C ALA A 355 0.51 4.27 -16.29
N ARG A 356 0.73 4.96 -17.42
CA ARG A 356 -0.02 4.79 -18.66
C ARG A 356 0.90 5.18 -19.80
N SER A 357 0.99 4.36 -20.82
CA SER A 357 1.69 4.78 -22.03
C SER A 357 0.93 5.88 -22.75
N MET A 358 1.66 6.79 -23.38
CA MET A 358 1.03 7.99 -23.94
C MET A 358 -0.09 7.68 -24.93
N PRO A 359 0.00 6.67 -25.81
CA PRO A 359 -1.16 6.38 -26.67
C PRO A 359 -2.29 5.66 -25.96
N THR A 360 -2.08 5.09 -24.79
CA THR A 360 -3.17 4.45 -24.06
C THR A 360 -4.26 5.47 -23.70
N SER A 361 -5.52 5.03 -23.74
CA SER A 361 -6.67 5.91 -23.51
C SER A 361 -6.63 6.54 -22.12
N GLY A 362 -7.40 7.62 -21.96
CA GLY A 362 -7.43 8.36 -20.72
C GLY A 362 -8.37 7.83 -19.67
N ALA A 363 -8.85 6.59 -19.79
CA ALA A 363 -9.75 6.05 -18.78
C ALA A 363 -9.05 5.98 -17.42
N LEU A 364 -7.81 5.49 -17.40
CA LEU A 364 -7.01 5.46 -16.16
C LEU A 364 -6.93 6.83 -15.50
N ASP A 365 -6.63 7.85 -16.31
CA ASP A 365 -6.57 9.25 -15.84
C ASP A 365 -7.80 9.61 -15.02
N ARG A 366 -8.96 9.12 -15.43
CA ARG A 366 -10.14 9.55 -14.69
C ARG A 366 -10.24 8.87 -13.33
N VAL A 367 -9.74 7.61 -13.19
CA VAL A 367 -9.86 7.06 -11.84
C VAL A 367 -8.75 7.61 -10.97
N ALA A 368 -7.55 7.78 -11.53
CA ALA A 368 -6.45 8.37 -10.75
C ALA A 368 -6.81 9.76 -10.25
N SER A 369 -7.53 10.53 -11.06
CA SER A 369 -7.77 11.90 -10.67
C SER A 369 -8.76 12.01 -9.51
N ALA A 370 -9.45 10.92 -9.18
CA ALA A 370 -10.31 10.85 -8.01
C ALA A 370 -9.58 10.36 -6.77
N THR A 371 -8.28 10.13 -6.87
CA THR A 371 -7.45 9.72 -5.77
C THR A 371 -6.31 10.70 -5.66
N LYS A 372 -5.48 10.54 -4.64
CA LYS A 372 -4.27 11.34 -4.53
C LYS A 372 -3.03 10.60 -5.04
N ILE A 373 -3.24 9.55 -5.88
CA ILE A 373 -2.16 8.81 -6.51
C ILE A 373 -1.74 9.53 -7.78
N ALA A 374 -0.44 9.68 -7.96
CA ALA A 374 0.08 10.33 -9.15
C ALA A 374 -0.01 9.38 -10.34
N LEU A 375 -0.17 9.98 -11.51
CA LEU A 375 -0.20 9.26 -12.76
C LEU A 375 0.96 9.74 -13.65
N TYR A 376 1.67 8.80 -14.27
CA TYR A 376 2.75 9.10 -15.20
C TYR A 376 2.40 8.60 -16.58
N GLU A 377 2.72 9.44 -17.58
CA GLU A 377 2.48 9.17 -19.00
C GLU A 377 3.85 8.87 -19.63
N THR A 378 4.09 7.61 -19.95
CA THR A 378 5.40 7.21 -20.42
C THR A 378 5.36 6.93 -21.91
N PRO A 379 6.50 7.02 -22.58
CA PRO A 379 6.54 6.58 -23.97
C PRO A 379 6.22 5.10 -24.05
N THR A 380 5.81 4.68 -25.24
CA THR A 380 5.65 3.26 -25.53
C THR A 380 6.89 2.48 -25.11
N GLY A 381 6.68 1.46 -24.27
CA GLY A 381 7.76 0.66 -23.74
C GLY A 381 7.60 0.25 -22.29
N TRP A 382 7.62 -1.06 -22.02
CA TRP A 382 7.50 -1.50 -20.64
C TRP A 382 8.72 -1.11 -19.82
N LYS A 383 9.89 -0.94 -20.47
CA LYS A 383 11.09 -0.49 -19.76
C LYS A 383 10.86 0.82 -19.01
N PHE A 384 9.93 1.65 -19.47
CA PHE A 384 9.70 2.90 -18.75
C PHE A 384 8.93 2.67 -17.46
N PHE A 385 7.94 1.77 -17.48
CA PHE A 385 7.30 1.37 -16.23
C PHE A 385 8.32 0.81 -15.25
N GLY A 386 9.18 -0.07 -15.73
CA GLY A 386 10.17 -0.69 -14.86
C GLY A 386 10.94 0.32 -14.05
N ASN A 387 11.32 1.45 -14.67
CA ASN A 387 12.17 2.43 -13.99
C ASN A 387 11.41 3.14 -12.90
N LEU A 388 10.13 3.42 -13.10
CA LEU A 388 9.37 4.00 -12.00
C LEU A 388 9.12 2.97 -10.91
N MET A 389 8.83 1.72 -11.30
CA MET A 389 8.74 0.66 -10.29
C MET A 389 10.01 0.59 -9.45
N ASP A 390 11.17 0.68 -10.07
CA ASP A 390 12.41 0.54 -9.31
C ASP A 390 12.60 1.69 -8.33
N ALA A 391 12.06 2.87 -8.63
CA ALA A 391 12.12 4.03 -7.75
C ALA A 391 11.00 4.05 -6.71
N SER A 392 10.27 2.95 -6.53
CA SER A 392 9.15 2.84 -5.60
C SER A 392 8.07 3.88 -5.84
N LYS A 393 7.80 4.18 -7.11
CA LYS A 393 6.85 5.25 -7.46
C LYS A 393 5.76 4.80 -8.40
N LEU A 394 5.71 3.51 -8.77
CA LEU A 394 4.67 3.00 -9.64
C LEU A 394 4.22 1.63 -9.14
N SER A 395 2.93 1.47 -8.94
CA SER A 395 2.35 0.18 -8.54
C SER A 395 1.55 -0.49 -9.64
N LEU A 396 0.79 0.27 -10.44
CA LEU A 396 -0.09 -0.29 -11.47
C LEU A 396 0.10 0.50 -12.76
N CYS A 397 0.24 -0.23 -13.86
CA CYS A 397 0.47 0.38 -15.17
C CYS A 397 -0.27 -0.38 -16.26
N GLY A 398 -0.45 0.30 -17.40
CA GLY A 398 -1.16 -0.23 -18.55
C GLY A 398 -0.68 0.25 -19.90
N GLU A 399 -0.74 -0.63 -20.91
CA GLU A 399 -0.42 -0.27 -22.29
C GLU A 399 -1.58 -0.73 -23.17
N GLU A 400 -2.05 0.14 -24.07
CA GLU A 400 -3.20 -0.17 -24.91
C GLU A 400 -3.01 -1.46 -25.67
N SER A 401 -1.78 -1.82 -25.96
CA SER A 401 -1.59 -3.01 -26.80
C SER A 401 -1.42 -4.27 -25.98
N PHE A 402 -1.59 -4.20 -24.65
CA PHE A 402 -1.38 -5.39 -23.85
C PHE A 402 -2.38 -5.50 -22.72
N GLY A 403 -2.52 -4.45 -21.93
CA GLY A 403 -3.37 -4.49 -20.76
C GLY A 403 -2.64 -3.99 -19.53
N THR A 404 -2.86 -4.66 -18.39
CA THR A 404 -2.50 -4.16 -17.07
C THR A 404 -1.36 -4.97 -16.46
N GLY A 405 -0.42 -4.26 -15.82
CA GLY A 405 0.66 -4.89 -15.08
C GLY A 405 0.86 -4.24 -13.73
N SER A 406 1.81 -4.79 -12.97
CA SER A 406 2.15 -4.24 -11.66
C SER A 406 3.65 -4.35 -11.41
N ASP A 407 4.08 -3.93 -10.20
CA ASP A 407 5.46 -4.03 -9.79
C ASP A 407 5.81 -5.39 -9.22
N HIS A 408 4.91 -6.37 -9.31
CA HIS A 408 5.23 -7.68 -8.74
C HIS A 408 6.41 -8.30 -9.47
N ILE A 409 6.55 -7.99 -10.76
CA ILE A 409 7.72 -8.34 -11.55
C ILE A 409 8.13 -7.10 -12.33
N ARG A 410 8.99 -7.28 -13.32
CA ARG A 410 9.43 -6.23 -14.23
C ARG A 410 9.10 -6.57 -15.69
N GLU A 411 8.03 -7.32 -15.91
CA GLU A 411 7.69 -7.82 -17.23
C GLU A 411 6.17 -7.88 -17.31
N LYS A 412 5.66 -8.05 -18.53
CA LYS A 412 4.21 -8.19 -18.69
C LYS A 412 3.80 -9.61 -18.34
N ASP A 413 2.63 -9.75 -17.70
CA ASP A 413 2.10 -11.04 -17.28
C ASP A 413 0.62 -11.16 -17.65
N VAL A 414 0.32 -11.89 -18.74
CA VAL A 414 -1.09 -12.04 -19.14
C VAL A 414 -1.86 -12.77 -18.06
N LEU A 415 -1.26 -13.80 -17.48
CA LEU A 415 -1.97 -14.58 -16.48
C LEU A 415 -2.29 -13.75 -15.23
N TRP A 416 -1.32 -12.93 -14.78
CA TRP A 416 -1.60 -11.93 -13.75
C TRP A 416 -2.83 -11.11 -14.11
N ALA A 417 -2.83 -10.54 -15.32
CA ALA A 417 -3.94 -9.69 -15.70
C ALA A 417 -5.28 -10.44 -15.71
N VAL A 418 -5.29 -11.73 -16.10
CA VAL A 418 -6.50 -12.54 -16.03
C VAL A 418 -6.92 -12.81 -14.58
N LEU A 419 -5.97 -13.11 -13.69
CA LEU A 419 -6.34 -13.30 -12.31
C LEU A 419 -6.85 -11.99 -11.67
N ALA A 420 -6.28 -10.84 -12.06
CA ALA A 420 -6.77 -9.59 -11.52
C ALA A 420 -8.24 -9.38 -11.88
N TRP A 421 -8.62 -9.67 -13.13
CA TRP A 421 -10.01 -9.56 -13.51
C TRP A 421 -10.90 -10.53 -12.75
N LEU A 422 -10.40 -11.74 -12.46
CA LEU A 422 -11.21 -12.74 -11.75
C LEU A 422 -11.33 -12.40 -10.26
N SER A 423 -10.30 -11.84 -9.66
CA SER A 423 -10.45 -11.29 -8.33
C SER A 423 -11.57 -10.26 -8.28
N ILE A 424 -11.68 -9.43 -9.32
CA ILE A 424 -12.65 -8.36 -9.29
C ILE A 424 -14.06 -8.90 -9.51
N LEU A 425 -14.23 -9.83 -10.46
CA LEU A 425 -15.53 -10.50 -10.57
C LEU A 425 -15.94 -11.10 -9.23
N ALA A 426 -14.99 -11.69 -8.51
CA ALA A 426 -15.35 -12.38 -7.27
C ALA A 426 -15.85 -11.40 -6.21
N THR A 427 -15.21 -10.24 -6.07
CA THR A 427 -15.69 -9.34 -5.03
C THR A 427 -16.90 -8.53 -5.50
N ARG A 428 -16.96 -8.13 -6.76
CA ARG A 428 -18.12 -7.37 -7.22
C ARG A 428 -19.36 -8.26 -7.34
N LYS A 429 -19.18 -9.55 -7.60
CA LYS A 429 -20.28 -10.47 -7.87
C LYS A 429 -21.23 -9.87 -8.90
N GLN A 430 -20.65 -9.48 -10.04
CA GLN A 430 -21.40 -8.93 -11.17
C GLN A 430 -20.75 -9.39 -12.47
N SER A 431 -21.51 -9.31 -13.55
CA SER A 431 -20.95 -9.70 -14.85
C SER A 431 -19.83 -8.73 -15.26
N VAL A 432 -19.00 -9.19 -16.18
CA VAL A 432 -18.03 -8.29 -16.82
C VAL A 432 -18.75 -7.11 -17.45
N GLU A 433 -19.86 -7.36 -18.15
CA GLU A 433 -20.56 -6.26 -18.81
C GLU A 433 -21.09 -5.25 -17.81
N ASP A 434 -21.70 -5.72 -16.72
CA ASP A 434 -22.22 -4.78 -15.75
C ASP A 434 -21.13 -4.05 -14.99
N ILE A 435 -19.93 -4.61 -14.90
CA ILE A 435 -18.85 -3.87 -14.25
C ILE A 435 -18.40 -2.72 -15.12
N LEU A 436 -18.26 -2.99 -16.42
CA LEU A 436 -17.90 -1.91 -17.35
C LEU A 436 -18.99 -0.85 -17.40
N LYS A 437 -20.26 -1.26 -17.41
CA LYS A 437 -21.32 -0.28 -17.54
C LYS A 437 -21.37 0.63 -16.34
N ASP A 438 -21.21 0.08 -15.14
CA ASP A 438 -21.24 0.93 -13.95
C ASP A 438 -19.98 1.79 -13.86
N HIS A 439 -18.86 1.29 -14.40
CA HIS A 439 -17.64 2.09 -14.42
C HIS A 439 -17.80 3.32 -15.30
N TRP A 440 -18.26 3.14 -16.54
CA TRP A 440 -18.55 4.28 -17.42
C TRP A 440 -19.60 5.20 -16.80
N GLN A 441 -20.60 4.63 -16.13
CA GLN A 441 -21.62 5.47 -15.51
C GLN A 441 -20.99 6.43 -14.50
N LYS A 442 -19.97 5.96 -13.75
CA LYS A 442 -19.31 6.78 -12.73
C LYS A 442 -18.27 7.71 -13.34
N TYR A 443 -17.38 7.17 -14.16
CA TYR A 443 -16.28 7.96 -14.70
C TYR A 443 -16.53 8.56 -16.10
N GLY A 444 -17.60 8.18 -16.80
CA GLY A 444 -17.70 8.49 -18.21
C GLY A 444 -16.90 7.50 -19.03
N ARG A 445 -17.11 7.48 -20.33
CA ARG A 445 -16.48 6.47 -21.19
C ARG A 445 -15.46 7.10 -22.12
N ASN A 446 -14.27 6.55 -22.13
CA ASN A 446 -13.30 6.84 -23.16
C ASN A 446 -13.45 5.81 -24.26
N PHE A 447 -14.18 6.16 -25.30
CA PHE A 447 -14.10 5.38 -26.53
C PHE A 447 -12.67 5.42 -27.08
N PHE A 448 -12.22 4.28 -27.61
CA PHE A 448 -10.82 4.14 -28.00
C PHE A 448 -10.67 3.09 -29.07
N THR A 449 -9.92 3.42 -30.11
CA THR A 449 -9.56 2.48 -31.16
C THR A 449 -8.15 2.84 -31.57
N ARG A 450 -7.49 1.88 -32.22
CA ARG A 450 -6.19 2.11 -32.83
C ARG A 450 -6.23 1.57 -34.25
N TYR A 451 -5.82 2.43 -35.19
CA TYR A 451 -5.71 2.10 -36.61
C TYR A 451 -4.26 1.78 -36.90
N ASP A 452 -3.98 0.57 -37.39
CA ASP A 452 -2.64 0.22 -37.86
C ASP A 452 -2.64 0.23 -39.38
N TYR A 453 -1.71 0.96 -39.96
CA TYR A 453 -1.44 0.88 -41.39
C TYR A 453 -0.07 0.22 -41.53
N GLU A 454 -0.04 -0.95 -42.12
CA GLU A 454 1.18 -1.75 -42.15
C GLU A 454 1.82 -1.70 -43.52
N GLU A 455 3.15 -1.82 -43.54
CA GLU A 455 3.91 -1.93 -44.77
C GLU A 455 3.67 -0.74 -45.71
N VAL A 456 3.70 0.48 -45.13
CA VAL A 456 3.41 1.67 -45.92
C VAL A 456 4.71 2.18 -46.53
N GLU A 457 4.55 2.84 -47.68
CA GLU A 457 5.63 3.47 -48.42
C GLU A 457 6.35 4.43 -47.48
N ALA A 458 7.57 4.08 -47.09
CA ALA A 458 8.23 4.77 -45.98
C ALA A 458 8.50 6.22 -46.30
N GLU A 459 8.84 6.53 -47.55
CA GLU A 459 9.02 7.93 -47.93
C GLU A 459 7.78 8.73 -47.59
N GLY A 460 6.61 8.26 -48.03
CA GLY A 460 5.39 9.00 -47.79
C GLY A 460 5.01 9.07 -46.32
N ALA A 461 5.31 8.02 -45.56
CA ALA A 461 5.00 8.02 -44.14
C ALA A 461 5.69 9.17 -43.42
N ASN A 462 7.01 9.30 -43.64
CA ASN A 462 7.74 10.36 -42.94
C ASN A 462 7.35 11.73 -43.46
N LYS A 463 6.98 11.84 -44.73
CA LYS A 463 6.38 13.07 -45.22
C LYS A 463 5.14 13.38 -44.41
N MET A 464 4.29 12.38 -44.20
CA MET A 464 3.00 12.64 -43.57
C MET A 464 3.18 13.21 -42.17
N MET A 465 4.16 12.71 -41.43
CA MET A 465 4.31 13.21 -40.07
C MET A 465 5.17 14.45 -39.98
N LYS A 466 6.22 14.57 -40.79
CA LYS A 466 6.94 15.83 -40.80
C LYS A 466 6.00 16.97 -41.16
N ASP A 467 5.19 16.79 -42.21
CA ASP A 467 4.16 17.77 -42.55
C ASP A 467 3.21 18.02 -41.38
N LEU A 468 2.69 16.94 -40.78
CA LEU A 468 1.71 17.11 -39.72
C LEU A 468 2.32 17.87 -38.54
N GLU A 469 3.60 17.63 -38.27
CA GLU A 469 4.27 18.34 -37.19
C GLU A 469 4.23 19.85 -37.43
N ALA A 470 4.64 20.28 -38.63
CA ALA A 470 4.72 21.70 -38.90
C ALA A 470 3.35 22.36 -38.78
N LEU A 471 2.31 21.69 -39.28
CA LEU A 471 0.92 22.05 -39.01
C LEU A 471 0.66 22.48 -37.56
N MET A 472 0.98 21.59 -36.59
CA MET A 472 0.62 21.83 -35.20
C MET A 472 1.57 22.78 -34.49
N PHE A 473 2.77 23.00 -35.02
CA PHE A 473 3.68 23.95 -34.41
C PHE A 473 3.38 25.39 -34.80
N ASP A 474 2.45 25.59 -35.74
CA ASP A 474 2.00 26.91 -36.18
C ASP A 474 1.26 27.67 -35.08
N ARG A 475 1.34 29.02 -35.16
CA ARG A 475 0.85 29.89 -34.10
C ARG A 475 -0.65 29.73 -33.88
N SER A 476 -1.46 29.92 -34.93
CA SER A 476 -2.89 29.84 -34.75
C SER A 476 -3.43 28.42 -34.63
N PHE A 477 -2.57 27.40 -34.65
CA PHE A 477 -3.08 26.03 -34.66
C PHE A 477 -3.79 25.69 -33.34
N VAL A 478 -3.18 26.01 -32.20
CA VAL A 478 -3.82 25.76 -30.92
C VAL A 478 -5.08 26.60 -30.80
N GLY A 479 -6.21 25.93 -30.55
CA GLY A 479 -7.50 26.58 -30.47
C GLY A 479 -8.34 26.49 -31.72
N LYS A 480 -7.75 26.09 -32.86
CA LYS A 480 -8.51 25.81 -34.06
C LYS A 480 -9.62 24.80 -33.76
N GLN A 481 -10.70 24.88 -34.51
CA GLN A 481 -11.86 24.03 -34.26
C GLN A 481 -12.11 23.09 -35.42
N PHE A 482 -12.63 21.92 -35.07
CA PHE A 482 -13.02 20.89 -36.02
C PHE A 482 -14.41 20.41 -35.66
N SER A 483 -15.26 20.32 -36.66
CA SER A 483 -16.62 19.83 -36.49
C SER A 483 -16.86 18.67 -37.44
N ALA A 484 -17.60 17.68 -36.95
CA ALA A 484 -18.08 16.58 -37.79
C ALA A 484 -19.37 16.05 -37.18
N ASN A 485 -20.49 16.31 -37.85
CA ASN A 485 -21.82 15.79 -37.45
C ASN A 485 -22.26 16.42 -36.12
N ASP A 486 -22.15 17.74 -36.03
CA ASP A 486 -22.48 18.47 -34.81
C ASP A 486 -21.80 17.84 -33.58
N LYS A 487 -20.51 17.55 -33.73
CA LYS A 487 -19.61 17.36 -32.61
C LYS A 487 -18.42 18.29 -32.87
N VAL A 488 -18.17 19.23 -31.97
CA VAL A 488 -17.11 20.21 -32.16
C VAL A 488 -15.91 19.86 -31.28
N TYR A 489 -14.75 19.83 -31.90
CA TYR A 489 -13.49 19.60 -31.24
C TYR A 489 -12.62 20.83 -31.46
N THR A 490 -12.02 21.32 -30.39
CA THR A 490 -11.11 22.44 -30.50
C THR A 490 -9.78 22.07 -29.85
N VAL A 491 -8.69 22.47 -30.49
CA VAL A 491 -7.36 22.01 -30.11
C VAL A 491 -6.93 22.68 -28.82
N GLU A 492 -6.67 21.91 -27.79
CA GLU A 492 -6.13 22.54 -26.59
C GLU A 492 -4.60 22.51 -26.57
N LYS A 493 -4.00 21.47 -27.13
CA LYS A 493 -2.55 21.31 -27.09
C LYS A 493 -2.17 20.36 -28.20
N ALA A 494 -1.02 20.63 -28.82
CA ALA A 494 -0.54 19.80 -29.94
C ALA A 494 0.98 19.82 -29.91
N ASP A 495 1.60 18.68 -29.60
CA ASP A 495 3.04 18.56 -29.45
C ASP A 495 3.52 17.22 -30.02
N ASN A 496 4.83 17.01 -29.99
CA ASN A 496 5.48 15.75 -30.34
C ASN A 496 6.16 15.23 -29.08
N PHE A 497 5.51 14.24 -28.45
CA PHE A 497 5.77 13.87 -27.07
C PHE A 497 7.24 13.57 -26.80
N GLU A 498 7.76 14.20 -25.74
CA GLU A 498 9.11 14.04 -25.23
C GLU A 498 9.00 13.56 -23.79
N TYR A 499 10.01 12.84 -23.32
CA TYR A 499 9.96 12.28 -21.97
C TYR A 499 11.34 12.30 -21.35
N SER A 500 11.47 12.93 -20.19
CA SER A 500 12.71 12.82 -19.42
C SER A 500 12.52 11.75 -18.35
N ASP A 501 13.20 10.62 -18.51
CA ASP A 501 13.14 9.56 -17.54
C ASP A 501 13.68 10.10 -16.21
N PRO A 502 12.86 10.12 -15.15
CA PRO A 502 13.31 10.68 -13.88
C PRO A 502 14.28 9.77 -13.15
N VAL A 503 14.48 8.56 -13.64
CA VAL A 503 15.31 7.56 -12.97
C VAL A 503 16.65 7.37 -13.69
N ASP A 504 16.64 7.10 -14.98
CA ASP A 504 17.93 6.92 -15.66
C ASP A 504 18.50 8.21 -16.27
N GLY A 505 17.77 9.33 -16.21
CA GLY A 505 18.25 10.60 -16.74
C GLY A 505 18.10 10.79 -18.23
N SER A 506 17.76 9.75 -18.98
CA SER A 506 17.75 9.86 -20.43
C SER A 506 16.55 10.68 -20.89
N ILE A 507 16.61 11.05 -22.16
CA ILE A 507 15.61 11.91 -22.77
C ILE A 507 15.15 11.24 -24.06
N SER A 508 13.85 11.11 -24.24
CA SER A 508 13.27 10.40 -25.37
C SER A 508 12.39 11.34 -26.16
N ARG A 509 12.84 11.71 -27.36
CA ARG A 509 12.13 12.64 -28.25
C ARG A 509 11.36 11.92 -29.34
N ASN A 510 10.45 12.67 -29.94
CA ASN A 510 9.65 12.19 -31.08
C ASN A 510 9.03 10.83 -30.79
N GLN A 511 8.23 10.81 -29.73
CA GLN A 511 7.51 9.62 -29.32
C GLN A 511 6.06 9.58 -29.81
N GLY A 512 5.67 10.52 -30.67
CA GLY A 512 4.35 10.50 -31.30
C GLY A 512 3.69 11.86 -31.17
N LEU A 513 2.85 12.17 -32.15
CA LEU A 513 2.23 13.50 -32.17
C LEU A 513 0.82 13.41 -31.65
N ARG A 514 0.52 14.23 -30.65
CA ARG A 514 -0.72 14.18 -29.91
C ARG A 514 -1.50 15.45 -30.19
N LEU A 515 -2.71 15.28 -30.70
CA LEU A 515 -3.70 16.35 -30.70
C LEU A 515 -4.61 16.10 -29.52
N ILE A 516 -4.58 17.02 -28.55
CA ILE A 516 -5.42 16.95 -27.36
C ILE A 516 -6.48 18.04 -27.49
N PHE A 517 -7.73 17.68 -27.22
CA PHE A 517 -8.84 18.59 -27.36
C PHE A 517 -9.42 18.93 -25.99
N THR A 518 -10.22 20.00 -25.94
CA THR A 518 -10.65 20.50 -24.64
C THR A 518 -11.65 19.58 -23.96
N ASP A 519 -12.43 18.83 -24.73
CA ASP A 519 -13.36 17.93 -24.07
C ASP A 519 -12.68 16.72 -23.54
N GLY A 520 -11.36 16.62 -23.62
CA GLY A 520 -10.64 15.46 -23.13
C GLY A 520 -10.46 14.34 -24.12
N SER A 521 -10.62 14.62 -25.41
CA SER A 521 -10.38 13.68 -26.49
C SER A 521 -9.01 13.92 -27.09
N ARG A 522 -8.54 12.93 -27.86
CA ARG A 522 -7.16 12.91 -28.34
C ARG A 522 -7.07 12.16 -29.64
N ILE A 523 -6.17 12.64 -30.48
CA ILE A 523 -5.67 11.91 -31.63
C ILE A 523 -4.17 11.80 -31.44
N VAL A 524 -3.63 10.61 -31.65
CA VAL A 524 -2.19 10.38 -31.56
C VAL A 524 -1.75 9.59 -32.77
N PHE A 525 -0.59 9.95 -33.31
CA PHE A 525 0.00 9.35 -34.49
C PHE A 525 1.41 8.88 -34.13
N ARG A 526 1.78 7.67 -34.56
CA ARG A 526 3.12 7.14 -34.31
C ARG A 526 3.63 6.38 -35.52
N LEU A 527 4.94 6.48 -35.81
CA LEU A 527 5.55 5.44 -36.67
C LEU A 527 6.37 4.45 -35.85
N SER A 528 6.69 3.33 -36.49
CA SER A 528 7.17 2.17 -35.76
C SER A 528 8.01 1.28 -36.67
N GLY A 529 9.04 0.66 -36.10
CA GLY A 529 9.93 -0.25 -36.82
C GLY A 529 9.75 -1.70 -36.42
N ALA A 533 11.55 -3.79 -43.14
CA ALA A 533 10.27 -4.47 -42.95
C ALA A 533 9.07 -3.66 -43.45
N GLY A 534 9.36 -2.57 -44.19
CA GLY A 534 8.37 -1.55 -44.46
C GLY A 534 8.13 -0.68 -43.24
N ALA A 535 7.31 0.34 -43.42
CA ALA A 535 6.92 1.23 -42.33
C ALA A 535 5.55 0.81 -41.76
N THR A 536 5.22 1.33 -40.59
CA THR A 536 3.94 1.04 -39.97
C THR A 536 3.41 2.25 -39.23
N ILE A 537 2.19 2.69 -39.56
CA ILE A 537 1.58 3.83 -38.91
C ILE A 537 0.60 3.34 -37.88
N ARG A 538 0.63 3.97 -36.71
CA ARG A 538 -0.33 3.67 -35.67
C ARG A 538 -1.08 4.95 -35.34
N LEU A 539 -2.40 4.89 -35.43
CA LEU A 539 -3.24 6.05 -35.21
C LEU A 539 -4.21 5.70 -34.09
N TYR A 540 -4.13 6.44 -32.98
CA TYR A 540 -4.93 6.15 -31.79
C TYR A 540 -5.97 7.23 -31.59
N ILE A 541 -7.20 6.84 -31.30
CA ILE A 541 -8.26 7.81 -31.19
C ILE A 541 -9.01 7.53 -29.92
N ASP A 542 -9.22 8.59 -29.14
CA ASP A 542 -9.69 8.50 -27.77
C ASP A 542 -10.73 9.63 -27.65
N SER A 543 -12.02 9.29 -27.76
CA SER A 543 -13.06 10.28 -27.54
C SER A 543 -13.80 10.04 -26.23
N TYR A 544 -13.93 11.09 -25.42
CA TYR A 544 -14.56 11.04 -24.12
C TYR A 544 -16.03 11.44 -24.19
N GLU A 545 -16.91 10.54 -23.78
CA GLU A 545 -18.34 10.81 -23.70
C GLU A 545 -18.78 10.76 -22.24
N LYS A 546 -19.40 11.85 -21.76
CA LYS A 546 -20.03 11.88 -20.44
C LYS A 546 -21.53 11.60 -20.49
N ASP A 547 -22.19 11.89 -21.61
CA ASP A 547 -23.62 11.64 -21.76
C ASP A 547 -23.94 10.14 -21.64
N VAL A 548 -24.90 9.82 -20.77
CA VAL A 548 -25.24 8.42 -20.52
C VAL A 548 -25.99 7.80 -21.69
N ALA A 549 -26.72 8.60 -22.48
CA ALA A 549 -27.38 8.04 -23.65
C ALA A 549 -26.40 7.60 -24.73
N LYS A 550 -25.12 7.91 -24.56
CA LYS A 550 -24.10 7.58 -25.55
C LYS A 550 -23.00 6.69 -25.01
N ILE A 551 -22.98 6.43 -23.71
CA ILE A 551 -22.05 5.49 -23.12
C ILE A 551 -22.11 4.13 -23.82
N ASN A 552 -23.32 3.66 -24.13
CA ASN A 552 -23.49 2.28 -24.58
C ASN A 552 -23.73 2.31 -26.07
N GLN A 553 -22.64 2.44 -26.80
CA GLN A 553 -22.64 2.72 -28.21
C GLN A 553 -21.47 1.99 -28.84
N ASP A 554 -21.61 1.71 -30.12
CA ASP A 554 -20.52 1.10 -30.86
C ASP A 554 -19.34 2.06 -30.89
N PRO A 555 -18.20 1.68 -30.39
CA PRO A 555 -17.03 2.59 -30.43
C PRO A 555 -16.69 3.07 -31.82
N GLN A 556 -16.91 2.25 -32.85
CA GLN A 556 -16.58 2.71 -34.20
C GLN A 556 -17.52 3.82 -34.65
N VAL A 557 -18.77 3.81 -34.22
CA VAL A 557 -19.66 4.93 -34.50
C VAL A 557 -19.25 6.19 -33.73
N MET A 558 -19.08 6.09 -32.40
CA MET A 558 -18.79 7.30 -31.63
C MET A 558 -17.49 7.94 -32.08
N LEU A 559 -16.53 7.12 -32.52
CA LEU A 559 -15.22 7.59 -32.97
C LEU A 559 -15.21 8.14 -34.40
N ALA A 560 -16.17 7.78 -35.24
CA ALA A 560 -16.25 8.26 -36.62
C ALA A 560 -15.94 9.75 -36.78
N PRO A 561 -16.50 10.65 -35.97
CA PRO A 561 -16.14 12.07 -36.14
C PRO A 561 -14.65 12.34 -35.96
N LEU A 562 -14.02 11.80 -34.91
CA LEU A 562 -12.60 12.06 -34.73
C LEU A 562 -11.73 11.34 -35.78
N ILE A 563 -12.13 10.15 -36.21
CA ILE A 563 -11.42 9.47 -37.29
C ILE A 563 -11.33 10.39 -38.50
N SER A 564 -12.47 10.97 -38.90
CA SER A 564 -12.52 11.85 -40.06
C SER A 564 -11.56 13.02 -39.89
N ILE A 565 -11.58 13.63 -38.71
CA ILE A 565 -10.65 14.71 -38.44
C ILE A 565 -9.21 14.24 -38.56
N ALA A 566 -8.88 13.10 -37.96
CA ALA A 566 -7.51 12.62 -38.04
C ALA A 566 -7.06 12.41 -39.48
N LEU A 567 -7.93 11.90 -40.35
CA LEU A 567 -7.44 11.61 -41.70
C LEU A 567 -7.39 12.84 -42.60
N LYS A 568 -8.27 13.84 -42.42
CA LYS A 568 -8.11 15.10 -43.13
C LYS A 568 -6.79 15.78 -42.75
N VAL A 569 -6.61 16.05 -41.46
CA VAL A 569 -5.42 16.76 -40.98
C VAL A 569 -4.14 16.05 -41.41
N SER A 570 -4.04 14.76 -41.09
CA SER A 570 -2.82 14.02 -41.41
C SER A 570 -2.56 13.94 -42.90
N GLN A 571 -3.61 14.09 -43.74
CA GLN A 571 -3.49 13.86 -45.19
C GLN A 571 -2.97 12.46 -45.47
N LEU A 572 -3.43 11.51 -44.66
CA LEU A 572 -2.83 10.18 -44.65
C LEU A 572 -3.08 9.42 -45.96
N GLN A 573 -4.23 9.63 -46.61
CA GLN A 573 -4.48 8.88 -47.83
C GLN A 573 -3.58 9.34 -48.98
N GLU A 574 -3.32 10.64 -49.07
CA GLU A 574 -2.44 11.18 -50.10
C GLU A 574 -0.97 10.81 -49.85
N ARG A 575 -0.54 10.76 -48.61
CA ARG A 575 0.85 10.36 -48.41
C ARG A 575 1.06 8.84 -48.45
N THR A 576 0.00 8.03 -48.44
CA THR A 576 0.16 6.58 -48.37
C THR A 576 -0.59 5.80 -49.42
N GLY A 577 -1.63 6.38 -50.03
CA GLY A 577 -2.51 5.61 -50.88
C GLY A 577 -3.50 4.74 -50.16
N ARG A 578 -3.36 4.57 -48.84
CA ARG A 578 -4.22 3.68 -48.07
C ARG A 578 -5.60 4.31 -47.87
N THR A 579 -6.66 3.54 -48.14
CA THR A 579 -8.00 4.05 -47.89
C THR A 579 -8.66 3.42 -46.67
N ALA A 580 -8.03 2.40 -46.09
CA ALA A 580 -8.44 1.75 -44.85
C ALA A 580 -7.21 1.38 -44.04
N PRO A 581 -7.32 1.30 -42.73
CA PRO A 581 -6.21 0.70 -41.97
C PRO A 581 -6.07 -0.77 -42.35
N THR A 582 -4.92 -1.32 -41.98
CA THR A 582 -4.69 -2.75 -42.13
C THR A 582 -5.43 -3.53 -41.06
N VAL A 583 -5.51 -2.97 -39.86
CA VAL A 583 -6.19 -3.60 -38.75
C VAL A 583 -6.86 -2.48 -37.96
N ILE A 584 -8.03 -2.77 -37.40
CA ILE A 584 -8.69 -1.90 -36.44
C ILE A 584 -8.78 -2.65 -35.13
N THR A 585 -8.47 -1.97 -34.03
CA THR A 585 -8.37 -2.62 -32.72
C THR A 585 -9.02 -1.74 -31.68
N ASN B 23 24.63 38.35 28.84
CA ASN B 23 24.85 37.53 27.65
C ASN B 23 25.07 36.06 27.97
N MET B 24 26.28 35.77 28.45
CA MET B 24 26.69 34.44 28.89
C MET B 24 26.06 34.16 30.26
N VAL B 25 25.11 33.20 30.30
CA VAL B 25 24.26 32.98 31.46
C VAL B 25 24.76 31.78 32.24
N LYS B 26 24.60 31.82 33.56
CA LYS B 26 25.40 30.99 34.45
C LYS B 26 24.77 29.61 34.67
N ILE B 27 25.64 28.64 34.87
CA ILE B 27 25.27 27.28 35.21
C ILE B 27 25.64 27.06 36.66
N VAL B 28 24.77 26.33 37.40
CA VAL B 28 24.98 25.99 38.80
C VAL B 28 24.74 24.50 38.99
N THR B 29 25.20 24.00 40.13
CA THR B 29 24.89 22.64 40.51
C THR B 29 24.17 22.67 41.84
N VAL B 30 22.99 22.05 41.89
CA VAL B 30 22.13 22.09 43.06
C VAL B 30 22.19 20.73 43.76
N LYS B 31 22.70 20.74 44.99
CA LYS B 31 22.59 19.57 45.85
C LYS B 31 21.11 19.31 46.12
N THR B 32 20.69 18.06 45.97
CA THR B 32 19.28 17.67 46.10
C THR B 32 19.19 16.39 46.91
N GLN B 33 18.13 16.29 47.73
CA GLN B 33 17.82 15.03 48.42
C GLN B 33 16.98 14.18 47.47
N ALA B 34 17.42 12.94 47.26
CA ALA B 34 16.75 12.05 46.33
C ALA B 34 15.38 11.61 46.86
N TYR B 35 14.52 11.25 45.93
CA TYR B 35 13.23 10.65 46.19
C TYR B 35 13.28 9.20 45.74
N GLN B 36 12.19 8.48 45.92
CA GLN B 36 12.26 7.03 45.72
C GLN B 36 11.05 6.40 45.06
N ASP B 37 9.92 7.10 44.96
CA ASP B 37 8.72 6.64 44.27
C ASP B 37 8.54 7.23 42.88
N GLN B 38 9.63 7.66 42.23
CA GLN B 38 9.53 8.30 40.92
C GLN B 38 9.74 7.29 39.79
N LYS B 39 8.83 6.27 39.74
CA LYS B 39 8.82 5.32 38.63
C LYS B 39 7.73 5.70 37.64
N PRO B 40 8.02 5.82 36.35
CA PRO B 40 7.00 6.34 35.42
C PRO B 40 6.00 5.28 34.99
N GLY B 41 6.49 4.16 34.48
CA GLY B 41 5.55 3.21 33.94
C GLY B 41 4.96 3.70 32.62
N THR B 42 3.67 3.44 32.44
CA THR B 42 3.10 3.38 31.10
C THR B 42 2.95 4.78 30.49
N SER B 43 2.30 5.70 31.22
CA SER B 43 2.07 7.02 30.66
C SER B 43 2.90 8.07 31.37
N GLY B 44 4.20 7.80 31.51
CA GLY B 44 5.08 8.66 32.26
C GLY B 44 4.75 8.66 33.73
N LEU B 45 5.47 9.49 34.47
CA LEU B 45 5.17 9.73 35.88
C LEU B 45 3.96 10.66 36.03
N ARG B 46 3.05 10.30 36.92
CA ARG B 46 1.84 11.08 37.15
C ARG B 46 1.47 11.04 38.63
N LYS B 47 1.44 12.22 39.24
CA LYS B 47 1.03 12.42 40.63
C LYS B 47 0.05 13.59 40.70
N ARG B 48 -0.47 13.85 41.89
CA ARG B 48 -1.33 15.01 42.08
C ARG B 48 -0.51 16.30 42.08
N VAL B 49 -1.14 17.39 41.66
CA VAL B 49 -0.49 18.71 41.68
C VAL B 49 0.04 19.02 43.06
N LYS B 50 -0.70 18.62 44.11
CA LYS B 50 -0.29 18.85 45.50
C LYS B 50 1.05 18.19 45.84
N VAL B 51 1.45 17.15 45.10
CA VAL B 51 2.76 16.54 45.33
C VAL B 51 3.87 17.45 44.85
N PHE B 52 3.74 17.95 43.62
CA PHE B 52 4.81 18.77 43.05
C PHE B 52 5.03 20.06 43.83
N GLN B 53 4.07 20.47 44.68
CA GLN B 53 4.20 21.67 45.51
C GLN B 53 4.93 21.37 46.82
N SER B 54 4.34 20.53 47.67
CA SER B 54 4.94 20.27 48.97
C SER B 54 6.38 19.76 48.84
N SER B 55 6.70 19.09 47.74
CA SER B 55 7.98 18.42 47.58
C SER B 55 8.95 19.33 46.83
N ALA B 56 9.97 19.80 47.54
CA ALA B 56 11.01 20.59 46.91
C ALA B 56 11.84 19.71 45.98
N ASN B 57 12.05 20.19 44.76
CA ASN B 57 12.83 19.53 43.71
C ASN B 57 12.16 18.28 43.17
N TYR B 58 10.85 18.12 43.36
CA TYR B 58 10.19 16.94 42.80
C TYR B 58 10.30 16.94 41.28
N ALA B 59 9.87 18.02 40.63
CA ALA B 59 9.96 18.10 39.17
C ALA B 59 11.40 18.19 38.72
N GLU B 60 12.25 18.89 39.46
CA GLU B 60 13.64 19.05 39.04
C GLU B 60 14.35 17.71 38.98
N ASN B 61 14.12 16.88 40.00
CA ASN B 61 14.79 15.58 40.07
C ASN B 61 14.36 14.69 38.91
N PHE B 62 13.08 14.67 38.62
CA PHE B 62 12.62 13.77 37.57
C PHE B 62 13.07 14.27 36.20
N ILE B 63 13.08 15.58 35.99
CA ILE B 63 13.50 16.08 34.69
C ILE B 63 14.97 15.75 34.44
N GLN B 64 15.82 15.89 35.45
CA GLN B 64 17.22 15.54 35.27
C GLN B 64 17.34 14.05 34.95
N SER B 65 16.65 13.21 35.72
CA SER B 65 16.71 11.77 35.52
C SER B 65 16.42 11.39 34.07
N ILE B 66 15.43 12.06 33.46
CA ILE B 66 15.16 11.88 32.04
C ILE B 66 16.39 12.22 31.20
N ILE B 67 16.93 13.42 31.42
CA ILE B 67 18.01 13.90 30.58
C ILE B 67 19.28 13.06 30.78
N SER B 68 19.63 12.77 32.03
CA SER B 68 20.82 11.97 32.30
C SER B 68 20.70 10.52 31.82
N THR B 69 19.78 10.23 30.89
CA THR B 69 19.67 8.92 30.28
C THR B 69 20.25 8.87 28.87
N VAL B 70 20.63 10.01 28.31
CA VAL B 70 21.27 10.09 27.01
C VAL B 70 22.71 10.47 27.25
N GLU B 71 23.65 9.68 26.69
CA GLU B 71 25.08 9.83 26.99
C GLU B 71 25.48 11.29 26.84
N PRO B 72 26.41 11.77 27.66
CA PRO B 72 26.83 13.18 27.52
C PRO B 72 27.37 13.54 26.14
N ALA B 73 27.94 12.58 25.42
CA ALA B 73 28.51 12.87 24.10
C ALA B 73 27.42 13.19 23.08
N GLN B 74 26.20 12.71 23.29
CA GLN B 74 25.12 12.82 22.33
C GLN B 74 24.26 14.07 22.53
N ARG B 75 24.59 14.94 23.49
CA ARG B 75 23.60 15.94 23.92
C ARG B 75 23.57 17.19 23.07
N GLN B 76 24.72 17.74 22.66
CA GLN B 76 24.67 18.96 21.87
C GLN B 76 24.05 18.70 20.51
N GLU B 77 24.30 17.54 19.92
CA GLU B 77 23.72 17.23 18.61
C GLU B 77 22.31 16.68 18.73
N ALA B 78 21.60 17.04 19.81
CA ALA B 78 20.30 16.47 20.13
C ALA B 78 19.27 17.56 20.33
N THR B 79 18.01 17.25 20.00
CA THR B 79 16.93 18.19 20.29
C THR B 79 15.78 17.45 20.96
N LEU B 80 15.15 18.13 21.91
CA LEU B 80 13.96 17.64 22.58
C LEU B 80 12.78 18.50 22.16
N VAL B 81 11.62 17.86 21.98
CA VAL B 81 10.37 18.56 21.77
C VAL B 81 9.59 18.56 23.08
N VAL B 82 9.04 19.72 23.46
CA VAL B 82 8.24 19.81 24.67
C VAL B 82 6.86 20.37 24.32
N GLY B 83 5.82 19.73 24.84
CA GLY B 83 4.48 20.26 24.77
C GLY B 83 3.54 19.53 25.72
N GLY B 84 2.25 19.86 25.60
CA GLY B 84 1.22 19.18 26.36
C GLY B 84 0.07 20.12 26.70
N ASP B 85 -0.79 19.59 27.59
CA ASP B 85 -2.13 20.06 27.97
C ASP B 85 -2.48 21.53 27.73
N GLY B 86 -1.49 22.43 27.67
CA GLY B 86 -1.75 23.85 27.57
C GLY B 86 -2.43 24.46 28.78
N ARG B 87 -2.53 23.72 29.88
CA ARG B 87 -3.19 24.19 31.09
C ARG B 87 -2.36 25.33 31.64
N PHE B 88 -2.68 25.76 32.86
CA PHE B 88 -1.64 26.48 33.57
C PHE B 88 -0.85 25.44 34.37
N TYR B 89 0.06 25.90 35.22
CA TYR B 89 1.23 25.15 35.68
C TYR B 89 2.21 24.85 34.53
N MET B 90 1.75 24.83 33.27
CA MET B 90 2.59 24.32 32.20
C MET B 90 3.66 25.32 31.77
N LYS B 91 3.29 26.58 31.57
CA LYS B 91 4.28 27.56 31.13
C LYS B 91 5.47 27.60 32.09
N GLU B 92 5.21 27.74 33.38
CA GLU B 92 6.29 27.67 34.37
C GLU B 92 6.96 26.30 34.36
N ALA B 93 6.29 25.29 33.80
CA ALA B 93 6.90 23.97 33.76
C ALA B 93 7.87 23.86 32.58
N ILE B 94 7.41 24.27 31.39
CA ILE B 94 8.30 24.35 30.24
C ILE B 94 9.53 25.22 30.54
N GLN B 95 9.37 26.31 31.29
CA GLN B 95 10.53 27.09 31.69
C GLN B 95 11.51 26.22 32.44
N LEU B 96 11.00 25.37 33.34
CA LEU B 96 11.87 24.50 34.12
C LEU B 96 12.62 23.50 33.25
N ILE B 97 11.95 22.90 32.25
CA ILE B 97 12.70 21.96 31.43
C ILE B 97 13.81 22.69 30.65
N ALA B 98 13.61 23.95 30.27
CA ALA B 98 14.65 24.65 29.53
C ALA B 98 15.87 24.91 30.39
N ARG B 99 15.67 25.38 31.63
CA ARG B 99 16.79 25.68 32.53
C ARG B 99 17.63 24.43 32.86
N ILE B 100 16.99 23.27 33.02
CA ILE B 100 17.76 22.04 33.30
C ILE B 100 18.38 21.49 32.02
N ALA B 101 17.60 21.40 30.94
CA ALA B 101 18.11 20.83 29.70
C ALA B 101 19.28 21.62 29.15
N ALA B 102 19.27 22.94 29.31
CA ALA B 102 20.36 23.75 28.79
C ALA B 102 21.62 23.59 29.64
N ALA B 103 21.48 23.57 30.96
CA ALA B 103 22.63 23.34 31.82
C ALA B 103 23.21 21.93 31.66
N ASN B 104 22.45 20.98 31.11
CA ASN B 104 22.94 19.63 30.82
C ASN B 104 23.45 19.48 29.40
N GLY B 105 23.52 20.57 28.64
CA GLY B 105 24.15 20.53 27.34
C GLY B 105 23.30 19.96 26.23
N ILE B 106 21.99 19.81 26.44
CA ILE B 106 21.08 19.53 25.33
C ILE B 106 21.18 20.66 24.32
N GLY B 107 21.31 20.30 23.04
CA GLY B 107 21.49 21.29 22.00
C GLY B 107 20.32 22.24 21.76
N ARG B 108 19.13 21.71 21.49
CA ARG B 108 18.02 22.63 21.32
C ARG B 108 16.72 21.97 21.74
N LEU B 109 15.74 22.83 22.05
CA LEU B 109 14.37 22.43 22.30
C LEU B 109 13.45 23.01 21.23
N VAL B 110 12.50 22.20 20.81
CA VAL B 110 11.37 22.66 20.01
C VAL B 110 10.17 22.73 20.94
N ILE B 111 9.58 23.91 21.07
CA ILE B 111 8.43 24.15 21.92
C ILE B 111 7.35 24.84 21.10
N GLY B 112 6.10 24.42 21.29
CA GLY B 112 5.00 25.10 20.65
C GLY B 112 4.80 26.51 21.20
N GLN B 113 4.28 27.37 20.35
CA GLN B 113 4.03 28.75 20.74
C GLN B 113 3.12 28.82 21.96
N ASN B 114 3.51 29.66 22.92
CA ASN B 114 2.86 29.76 24.23
C ASN B 114 2.87 28.43 24.98
N GLY B 115 3.78 27.52 24.62
CA GLY B 115 3.85 26.21 25.24
C GLY B 115 2.87 25.18 24.71
N ILE B 116 1.94 25.58 23.85
CA ILE B 116 0.87 24.70 23.40
C ILE B 116 1.40 23.75 22.33
N LEU B 117 1.25 22.44 22.55
CA LEU B 117 1.60 21.41 21.58
C LEU B 117 0.91 20.09 21.93
N SER B 118 -0.17 19.74 21.23
CA SER B 118 -0.87 18.50 21.49
C SER B 118 0.06 17.30 21.34
N THR B 119 -0.17 16.26 22.13
CA THR B 119 0.67 15.06 22.07
C THR B 119 0.85 14.50 20.67
N PRO B 120 -0.19 14.39 19.83
CA PRO B 120 0.06 14.05 18.43
C PRO B 120 1.11 14.92 17.77
N ALA B 121 1.02 16.22 17.97
CA ALA B 121 1.94 17.13 17.29
C ALA B 121 3.38 16.92 17.76
N VAL B 122 3.58 16.47 19.01
CA VAL B 122 4.92 16.14 19.48
C VAL B 122 5.43 14.89 18.75
N SER B 123 4.60 13.84 18.73
CA SER B 123 4.97 12.63 18.03
C SER B 123 5.23 12.92 16.55
N CYS B 124 4.33 13.68 15.92
CA CYS B 124 4.59 14.15 14.59
C CYS B 124 5.94 14.83 14.51
N ILE B 125 6.19 15.81 15.38
CA ILE B 125 7.37 16.65 15.17
C ILE B 125 8.65 15.87 15.45
N ILE B 126 8.67 15.05 16.52
CA ILE B 126 9.85 14.24 16.83
C ILE B 126 10.26 13.41 15.62
N ARG B 127 9.31 12.75 14.97
CA ARG B 127 9.67 11.89 13.85
C ARG B 127 10.08 12.72 12.64
N LYS B 128 9.46 13.88 12.42
CA LYS B 128 9.75 14.67 11.23
C LYS B 128 11.15 15.28 11.28
N ILE B 129 11.55 15.79 12.44
CA ILE B 129 12.85 16.45 12.58
C ILE B 129 13.89 15.52 13.19
N LYS B 130 13.51 14.29 13.52
CA LYS B 130 14.42 13.24 13.96
C LYS B 130 15.16 13.67 15.23
N ALA B 131 14.36 14.04 16.24
CA ALA B 131 14.78 14.41 17.58
C ALA B 131 15.03 13.17 18.44
N ILE B 132 15.82 13.39 19.51
CA ILE B 132 16.17 12.32 20.44
C ILE B 132 14.94 11.80 21.15
N GLY B 133 13.96 12.67 21.34
CA GLY B 133 12.76 12.31 22.08
C GLY B 133 11.96 13.56 22.37
N GLY B 134 11.10 13.46 23.35
CA GLY B 134 10.36 14.63 23.75
C GLY B 134 9.86 14.39 25.15
N ILE B 135 9.29 15.43 25.73
CA ILE B 135 8.64 15.36 27.03
C ILE B 135 7.25 15.94 26.89
N ILE B 136 6.24 15.14 27.24
CA ILE B 136 4.85 15.56 27.26
C ILE B 136 4.42 15.81 28.69
N LEU B 137 3.75 16.93 28.93
CA LEU B 137 3.16 17.27 30.21
C LEU B 137 1.64 17.26 30.09
N THR B 138 0.97 16.92 31.20
CA THR B 138 -0.46 16.64 31.20
C THR B 138 -1.08 17.12 32.50
N ALA B 139 -2.26 17.71 32.43
CA ALA B 139 -2.95 18.22 33.62
C ALA B 139 -4.46 18.25 33.40
N SER B 140 -5.20 17.73 34.38
CA SER B 140 -6.65 17.56 34.27
C SER B 140 -7.45 18.74 34.84
N HIS B 141 -7.60 18.80 36.16
CA HIS B 141 -8.43 19.83 36.78
C HIS B 141 -8.12 19.91 38.27
N ASN B 142 -8.52 21.03 38.90
CA ASN B 142 -8.41 21.23 40.36
C ASN B 142 -7.02 21.02 40.96
N PRO B 146 -7.02 17.17 46.68
CA PRO B 146 -6.64 18.03 45.55
C PRO B 146 -6.59 17.23 44.29
N ASN B 147 -7.62 16.39 44.09
CA ASN B 147 -7.74 15.41 43.01
C ASN B 147 -7.11 15.79 41.66
N GLY B 148 -6.43 16.93 41.57
CA GLY B 148 -5.81 17.35 40.34
C GLY B 148 -4.45 16.75 40.08
N ASP B 149 -4.32 16.04 38.96
CA ASP B 149 -3.10 15.30 38.67
C ASP B 149 -2.28 16.00 37.58
N PHE B 150 -0.97 15.69 37.57
CA PHE B 150 -0.04 16.26 36.60
C PHE B 150 0.98 15.18 36.25
N GLY B 151 1.18 14.95 34.95
CA GLY B 151 2.08 13.90 34.49
C GLY B 151 3.25 14.43 33.68
N ILE B 152 4.37 13.68 33.72
CA ILE B 152 5.56 13.95 32.91
C ILE B 152 5.86 12.70 32.10
N LYS B 153 5.57 12.71 30.81
CA LYS B 153 5.83 11.55 29.98
C LYS B 153 7.09 11.82 29.16
N PHE B 154 7.94 10.80 29.02
CA PHE B 154 9.11 10.92 28.17
C PHE B 154 8.91 9.98 26.99
N ASN B 155 8.95 10.54 25.77
CA ASN B 155 8.88 9.81 24.52
C ASN B 155 10.27 9.70 23.90
N ILE B 156 10.53 8.61 23.20
CA ILE B 156 11.87 8.35 22.65
C ILE B 156 11.96 8.80 21.19
N SER B 157 13.00 8.35 20.50
CA SER B 157 13.24 8.92 19.18
C SER B 157 12.22 8.48 18.14
N ASN B 158 11.39 7.47 18.42
CA ASN B 158 10.39 7.03 17.44
C ASN B 158 9.06 7.77 17.57
N GLY B 159 8.95 8.74 18.50
CA GLY B 159 7.76 9.52 18.69
C GLY B 159 6.80 9.00 19.74
N GLY B 160 6.97 7.75 20.16
CA GLY B 160 6.13 7.17 21.18
C GLY B 160 6.78 7.06 22.54
N PRO B 161 5.96 6.73 23.56
CA PRO B 161 6.45 6.65 24.96
C PRO B 161 7.71 5.82 25.16
N ALA B 162 8.46 6.09 26.23
CA ALA B 162 9.63 5.30 26.52
C ALA B 162 9.22 3.90 26.99
N PRO B 163 9.93 2.86 26.56
CA PRO B 163 9.56 1.49 26.93
C PRO B 163 10.16 1.12 28.28
N GLU B 164 9.74 -0.04 28.79
CA GLU B 164 10.05 -0.45 30.16
C GLU B 164 11.54 -0.30 30.48
N ALA B 165 12.42 -0.65 29.53
CA ALA B 165 13.84 -0.57 29.81
C ALA B 165 14.28 0.86 30.10
N ILE B 166 13.97 1.78 29.19
CA ILE B 166 14.42 3.16 29.38
C ILE B 166 13.62 3.82 30.49
N THR B 167 12.35 3.43 30.66
CA THR B 167 11.62 3.94 31.81
C THR B 167 12.17 3.37 33.11
N ASP B 168 12.83 2.21 33.07
CA ASP B 168 13.50 1.73 34.27
C ASP B 168 14.89 2.33 34.43
N LYS B 169 15.55 2.71 33.34
CA LYS B 169 16.81 3.42 33.50
C LYS B 169 16.61 4.75 34.20
N ILE B 170 15.43 5.36 34.01
CA ILE B 170 15.14 6.65 34.64
C ILE B 170 14.87 6.44 36.13
N PHE B 171 13.98 5.49 36.46
CA PHE B 171 13.66 5.22 37.86
C PHE B 171 14.92 4.82 38.64
N GLN B 172 15.81 4.01 38.05
CA GLN B 172 17.05 3.66 38.72
C GLN B 172 17.89 4.91 39.01
N ILE B 173 18.12 5.75 37.98
CA ILE B 173 18.80 7.03 38.20
C ILE B 173 18.05 7.87 39.23
N SER B 174 16.71 7.90 39.10
CA SER B 174 15.89 8.77 39.94
C SER B 174 16.10 8.53 41.44
N LYS B 175 16.47 7.29 41.82
CA LYS B 175 16.65 6.93 43.23
C LYS B 175 18.04 7.29 43.77
N THR B 176 19.04 7.50 42.91
CA THR B 176 20.44 7.64 43.33
C THR B 176 21.03 9.03 43.07
N ILE B 177 20.21 10.06 42.97
CA ILE B 177 20.74 11.35 42.55
C ILE B 177 21.19 12.17 43.75
N GLU B 178 22.26 12.93 43.54
CA GLU B 178 22.81 13.79 44.58
C GLU B 178 23.08 15.21 44.09
N GLU B 179 22.83 15.50 42.82
CA GLU B 179 22.99 16.84 42.28
C GLU B 179 22.31 16.91 40.92
N TYR B 180 21.98 18.12 40.51
CA TYR B 180 21.40 18.33 39.19
C TYR B 180 21.74 19.76 38.75
N ALA B 181 21.98 19.93 37.45
CA ALA B 181 22.45 21.20 36.88
C ALA B 181 21.28 22.04 36.41
N VAL B 182 21.37 23.36 36.64
CA VAL B 182 20.34 24.26 36.14
C VAL B 182 20.94 25.61 35.75
N CYS B 183 20.29 26.26 34.77
CA CYS B 183 20.56 27.65 34.40
C CYS B 183 19.49 28.52 35.02
N PRO B 184 19.62 28.85 36.30
CA PRO B 184 18.47 29.41 37.03
C PRO B 184 18.02 30.75 36.49
N ASP B 185 18.81 31.37 35.63
CA ASP B 185 18.47 32.70 35.15
C ASP B 185 17.96 32.68 33.71
N LEU B 186 17.68 31.50 33.17
CA LEU B 186 17.31 31.37 31.76
C LEU B 186 15.79 31.52 31.62
N LYS B 187 15.36 32.57 30.95
CA LYS B 187 13.94 32.82 30.71
C LYS B 187 13.72 32.81 29.20
N VAL B 188 12.80 31.94 28.75
CA VAL B 188 12.40 31.82 27.36
C VAL B 188 11.14 32.64 27.16
N ASP B 189 11.14 33.51 26.16
CA ASP B 189 9.87 34.16 25.79
C ASP B 189 9.10 33.17 24.93
N LEU B 190 8.07 32.57 25.51
CA LEU B 190 7.37 31.48 24.82
C LEU B 190 6.35 31.97 23.81
N GLY B 191 6.09 33.28 23.76
CA GLY B 191 5.04 33.80 22.90
C GLY B 191 5.44 34.07 21.46
N VAL B 192 6.73 34.25 21.17
CA VAL B 192 7.19 34.67 19.84
C VAL B 192 7.76 33.49 19.08
N LEU B 193 7.37 33.35 17.81
CA LEU B 193 7.88 32.28 16.96
C LEU B 193 9.34 32.50 16.58
N GLY B 194 10.08 31.41 16.42
CA GLY B 194 11.42 31.49 15.88
C GLY B 194 12.50 31.02 16.85
N LYS B 195 13.74 31.12 16.37
CA LYS B 195 14.91 30.74 17.16
C LYS B 195 15.30 31.84 18.15
N GLN B 196 15.42 31.47 19.42
CA GLN B 196 16.14 32.24 20.42
C GLN B 196 17.43 31.51 20.73
N GLN B 197 18.50 32.25 20.97
CA GLN B 197 19.77 31.66 21.34
C GLN B 197 20.14 32.14 22.74
N PHE B 198 20.86 31.28 23.44
CA PHE B 198 21.41 31.59 24.76
C PHE B 198 22.85 31.12 24.78
N ASP B 199 23.79 32.01 25.14
CA ASP B 199 25.14 31.55 25.42
C ASP B 199 25.26 31.30 26.91
N LEU B 200 25.83 30.15 27.25
CA LEU B 200 26.03 29.73 28.62
C LEU B 200 27.52 29.78 28.90
N GLU B 201 27.91 30.36 30.04
CA GLU B 201 29.29 30.25 30.49
C GLU B 201 29.73 28.80 30.50
N ASN B 202 31.04 28.59 30.32
CA ASN B 202 31.72 27.29 30.34
C ASN B 202 31.35 26.41 29.15
N LYS B 203 30.57 26.91 28.20
CA LYS B 203 30.12 26.15 27.03
C LYS B 203 30.34 27.00 25.78
N PHE B 204 30.70 26.35 24.66
CA PHE B 204 31.10 27.03 23.42
C PHE B 204 29.93 27.24 22.47
N LYS B 205 29.27 26.16 22.07
CA LYS B 205 28.07 26.28 21.27
C LYS B 205 26.93 26.83 22.13
N PRO B 206 26.08 27.68 21.57
CA PRO B 206 25.01 28.26 22.39
C PRO B 206 23.92 27.24 22.66
N PHE B 207 22.88 27.70 23.36
CA PHE B 207 21.66 26.93 23.59
C PHE B 207 20.57 27.52 22.71
N THR B 208 19.73 26.67 22.13
CA THR B 208 18.76 27.12 21.16
C THR B 208 17.35 26.63 21.53
N VAL B 209 16.40 27.56 21.54
CA VAL B 209 14.98 27.25 21.61
C VAL B 209 14.35 27.65 20.28
N GLU B 210 13.60 26.72 19.68
CA GLU B 210 12.82 27.00 18.49
C GLU B 210 11.35 26.98 18.87
N ILE B 211 10.68 28.10 18.75
CA ILE B 211 9.25 28.19 18.98
C ILE B 211 8.53 27.97 17.65
N VAL B 212 7.72 26.90 17.57
CA VAL B 212 7.00 26.59 16.34
C VAL B 212 5.53 26.95 16.55
N ASP B 213 4.84 27.20 15.43
CA ASP B 213 3.39 27.17 15.41
C ASP B 213 2.88 25.86 16.00
N SER B 214 1.97 25.97 16.96
CA SER B 214 1.42 24.78 17.60
C SER B 214 0.84 23.80 16.59
N VAL B 215 0.28 24.30 15.49
CA VAL B 215 -0.56 23.48 14.62
C VAL B 215 0.15 23.10 13.33
N GLU B 216 1.04 23.98 12.84
CA GLU B 216 1.43 23.92 11.44
C GLU B 216 1.99 22.55 11.07
N ALA B 217 2.97 22.05 11.82
CA ALA B 217 3.56 20.77 11.47
C ALA B 217 2.51 19.67 11.47
N TYR B 218 1.66 19.66 12.49
CA TYR B 218 0.60 18.65 12.57
C TYR B 218 -0.36 18.75 11.38
N ALA B 219 -0.87 19.96 11.09
CA ALA B 219 -1.81 20.14 9.99
C ALA B 219 -1.21 19.76 8.62
N THR B 220 0.08 20.03 8.39
CA THR B 220 0.75 19.54 7.19
C THR B 220 0.68 18.02 7.09
N MET B 221 1.02 17.33 8.19
CA MET B 221 0.92 15.88 8.20
C MET B 221 -0.50 15.41 7.91
N LEU B 222 -1.51 16.09 8.47
CA LEU B 222 -2.90 15.65 8.24
C LEU B 222 -3.30 15.91 6.80
N ARG B 223 -2.81 17.00 6.22
CA ARG B 223 -3.09 17.35 4.83
C ARG B 223 -2.62 16.29 3.84
N SER B 224 -1.58 15.52 4.20
CA SER B 224 -1.17 14.40 3.35
CA SER B 224 -1.13 14.37 3.39
C SER B 224 -1.99 13.15 3.65
N ILE B 225 -2.38 12.94 4.90
CA ILE B 225 -3.19 11.77 5.26
C ILE B 225 -4.58 11.85 4.65
N PHE B 226 -5.23 13.02 4.69
CA PHE B 226 -6.64 13.12 4.28
C PHE B 226 -6.83 13.90 2.97
N ASP B 227 -8.04 13.82 2.45
CA ASP B 227 -8.45 14.48 1.21
C ASP B 227 -9.16 15.78 1.57
N PHE B 228 -8.38 16.82 1.87
CA PHE B 228 -8.97 18.10 2.27
C PHE B 228 -9.94 18.65 1.24
N SER B 229 -9.69 18.44 -0.05
CA SER B 229 -10.70 18.82 -1.05
C SER B 229 -12.01 18.09 -0.78
N ALA B 230 -11.94 16.78 -0.62
CA ALA B 230 -13.15 16.02 -0.32
C ALA B 230 -13.79 16.52 0.99
N LEU B 231 -12.98 16.83 2.00
CA LEU B 231 -13.54 17.32 3.25
C LEU B 231 -14.10 18.72 3.09
N LYS B 232 -13.51 19.53 2.22
CA LYS B 232 -13.99 20.90 2.08
C LYS B 232 -15.37 20.92 1.48
N GLU B 233 -15.62 20.10 0.46
CA GLU B 233 -16.97 20.02 -0.11
C GLU B 233 -17.94 19.40 0.88
N LEU B 234 -17.46 18.53 1.77
CA LEU B 234 -18.36 17.91 2.73
C LEU B 234 -18.82 18.91 3.79
N LEU B 235 -17.98 19.89 4.10
CA LEU B 235 -18.22 20.79 5.23
C LEU B 235 -18.63 22.19 4.82
N SER B 236 -18.83 22.46 3.53
CA SER B 236 -19.20 23.78 3.04
C SER B 236 -20.17 23.63 1.88
N GLY B 237 -21.01 24.63 1.70
CA GLY B 237 -21.96 24.64 0.62
C GLY B 237 -23.39 24.56 1.11
N PRO B 238 -24.28 24.08 0.26
CA PRO B 238 -25.69 23.96 0.67
C PRO B 238 -26.06 22.52 1.01
N ASN B 239 -25.41 21.57 0.33
CA ASN B 239 -25.49 20.17 0.72
C ASN B 239 -24.47 19.81 1.80
N ARG B 240 -23.97 20.82 2.52
CA ARG B 240 -22.91 20.63 3.50
C ARG B 240 -23.41 19.87 4.72
N LEU B 241 -22.46 19.29 5.43
CA LEU B 241 -22.71 18.53 6.65
C LEU B 241 -22.40 19.42 7.85
N LYS B 242 -23.17 19.26 8.93
CA LYS B 242 -23.16 20.17 10.07
C LYS B 242 -22.63 19.46 11.31
N ILE B 243 -21.49 19.92 11.83
CA ILE B 243 -20.81 19.21 12.91
C ILE B 243 -20.61 20.12 14.11
N ARG B 244 -20.43 19.48 15.27
CA ARG B 244 -20.08 20.16 16.52
C ARG B 244 -18.90 19.44 17.17
N ILE B 245 -17.81 20.17 17.39
CA ILE B 245 -16.62 19.63 18.03
C ILE B 245 -16.41 20.40 19.34
N ASP B 246 -16.73 19.77 20.46
CA ASP B 246 -16.46 20.35 21.77
C ASP B 246 -15.04 19.96 22.15
N ALA B 247 -14.13 20.94 22.15
CA ALA B 247 -12.79 20.67 22.63
C ALA B 247 -12.72 20.64 24.14
N MET B 248 -13.72 21.22 24.81
CA MET B 248 -13.75 21.26 26.26
C MET B 248 -12.55 22.03 26.80
N HIS B 249 -12.20 23.12 26.12
CA HIS B 249 -11.11 24.01 26.51
C HIS B 249 -9.77 23.28 26.62
N GLY B 250 -9.59 22.19 25.88
CA GLY B 250 -8.36 21.43 25.93
C GLY B 250 -7.35 21.83 24.86
N VAL B 251 -6.33 20.99 24.72
CA VAL B 251 -5.16 21.29 23.91
C VAL B 251 -5.51 21.30 22.43
N VAL B 252 -6.44 20.44 22.02
CA VAL B 252 -6.78 20.21 20.62
C VAL B 252 -7.67 21.30 20.05
N GLY B 253 -8.23 22.16 20.92
CA GLY B 253 -8.98 23.33 20.52
C GLY B 253 -8.40 24.05 19.33
N PRO B 254 -7.22 24.65 19.50
CA PRO B 254 -6.64 25.43 18.40
C PRO B 254 -6.36 24.61 17.16
N TYR B 255 -6.29 23.28 17.28
CA TYR B 255 -6.15 22.40 16.11
C TYR B 255 -7.49 22.21 15.41
N VAL B 256 -8.57 22.11 16.19
CA VAL B 256 -9.90 22.10 15.60
C VAL B 256 -10.14 23.39 14.83
N LYS B 257 -9.91 24.54 15.48
CA LYS B 257 -10.23 25.80 14.83
C LYS B 257 -9.44 25.97 13.53
N LYS B 258 -8.17 25.60 13.51
CA LYS B 258 -7.33 25.88 12.34
C LYS B 258 -7.47 24.85 11.24
N ILE B 259 -7.79 23.59 11.56
CA ILE B 259 -7.97 22.57 10.53
C ILE B 259 -9.42 22.51 10.05
N LEU B 260 -10.36 22.20 10.96
CA LEU B 260 -11.74 22.03 10.53
C LEU B 260 -12.37 23.33 10.03
N CYS B 261 -12.05 24.48 10.64
CA CYS B 261 -12.73 25.72 10.27
C CYS B 261 -11.96 26.58 9.27
N GLU B 262 -10.87 27.21 9.71
CA GLU B 262 -10.11 28.13 8.84
C GLU B 262 -9.68 27.46 7.54
N GLU B 263 -9.49 26.14 7.55
CA GLU B 263 -8.91 25.45 6.40
C GLU B 263 -9.90 24.61 5.61
N LEU B 264 -10.87 24.00 6.28
CA LEU B 264 -11.78 23.08 5.63
C LEU B 264 -13.14 23.69 5.40
N GLY B 265 -13.43 24.82 6.04
CA GLY B 265 -14.59 25.62 5.68
C GLY B 265 -15.76 25.52 6.62
N ALA B 266 -15.66 24.72 7.68
CA ALA B 266 -16.77 24.61 8.61
C ALA B 266 -17.09 25.98 9.22
N PRO B 267 -18.36 26.26 9.49
CA PRO B 267 -18.71 27.49 10.22
C PRO B 267 -18.00 27.54 11.56
N ALA B 268 -17.73 28.75 12.03
CA ALA B 268 -16.98 28.89 13.28
C ALA B 268 -17.74 28.28 14.46
N ASN B 269 -19.07 28.34 14.44
CA ASN B 269 -19.87 27.68 15.46
C ASN B 269 -19.81 26.15 15.36
N SER B 270 -19.04 25.59 14.44
CA SER B 270 -18.77 24.16 14.53
C SER B 270 -17.75 23.84 15.60
N ALA B 271 -16.91 24.81 15.95
CA ALA B 271 -15.84 24.64 16.93
C ALA B 271 -16.20 25.43 18.19
N VAL B 272 -16.43 24.73 19.30
CA VAL B 272 -16.76 25.38 20.56
C VAL B 272 -15.73 25.00 21.60
N ASN B 273 -15.43 25.94 22.49
CA ASN B 273 -14.52 25.69 23.61
C ASN B 273 -13.13 25.31 23.12
N CYS B 274 -12.65 26.04 22.11
CA CYS B 274 -11.40 25.73 21.43
C CYS B 274 -10.27 26.67 21.82
N VAL B 275 -10.25 27.11 23.08
CA VAL B 275 -9.31 28.08 23.56
C VAL B 275 -8.79 27.61 24.92
N PRO B 276 -7.52 27.21 25.03
CA PRO B 276 -7.09 26.41 26.18
C PRO B 276 -7.01 27.21 27.47
N LEU B 277 -7.29 26.52 28.58
CA LEU B 277 -7.39 27.11 29.92
C LEU B 277 -6.04 27.14 30.65
N TYR B 291 -17.58 14.59 32.19
CA TYR B 291 -18.78 15.37 31.89
C TYR B 291 -18.76 15.89 30.44
N ALA B 292 -19.02 14.99 29.48
CA ALA B 292 -19.18 15.37 28.07
C ALA B 292 -20.61 15.80 27.79
N ALA B 293 -21.27 16.35 28.81
CA ALA B 293 -22.71 16.51 28.81
C ALA B 293 -23.17 17.66 27.93
N ASP B 294 -22.37 18.71 27.77
CA ASP B 294 -22.80 19.80 26.90
C ASP B 294 -23.11 19.27 25.51
N LEU B 295 -22.15 18.55 24.92
CA LEU B 295 -22.39 17.96 23.60
C LEU B 295 -23.60 17.03 23.62
N VAL B 296 -23.78 16.30 24.72
CA VAL B 296 -24.86 15.32 24.81
C VAL B 296 -26.22 16.00 24.75
N GLU B 297 -26.46 16.98 25.63
CA GLU B 297 -27.73 17.71 25.61
C GLU B 297 -27.93 18.47 24.31
N THR B 298 -26.84 18.78 23.61
CA THR B 298 -26.90 19.58 22.40
C THR B 298 -27.29 18.74 21.18
N MET B 299 -26.64 17.59 21.00
CA MET B 299 -26.99 16.77 19.84
C MET B 299 -28.40 16.23 19.90
N LYS B 300 -28.98 16.09 21.11
CA LYS B 300 -30.37 15.65 21.21
C LYS B 300 -31.28 16.55 20.40
N SER B 301 -30.93 17.84 20.29
CA SER B 301 -31.67 18.77 19.44
C SER B 301 -31.75 18.28 17.99
N GLY B 302 -30.82 17.45 17.58
CA GLY B 302 -30.83 16.91 16.24
C GLY B 302 -30.45 17.88 15.14
N GLU B 303 -30.04 19.10 15.48
CA GLU B 303 -29.66 20.03 14.43
C GLU B 303 -28.35 19.63 13.76
N HIS B 304 -27.52 18.81 14.40
CA HIS B 304 -26.20 18.43 13.88
C HIS B 304 -26.18 16.97 13.46
N ASP B 305 -25.34 16.67 12.47
CA ASP B 305 -25.15 15.33 11.92
C ASP B 305 -24.04 14.54 12.60
N PHE B 306 -23.12 15.20 13.29
CA PHE B 306 -21.94 14.55 13.87
C PHE B 306 -21.42 15.45 14.98
N GLY B 307 -21.02 14.84 16.09
CA GLY B 307 -20.54 15.60 17.23
C GLY B 307 -19.35 14.91 17.85
N ALA B 308 -18.60 15.66 18.67
CA ALA B 308 -17.42 15.07 19.31
C ALA B 308 -16.98 15.93 20.48
N ALA B 309 -16.42 15.27 21.50
CA ALA B 309 -16.03 15.93 22.73
C ALA B 309 -14.67 15.41 23.16
N PHE B 310 -13.77 16.32 23.56
CA PHE B 310 -12.43 15.89 23.97
C PHE B 310 -12.11 16.19 25.43
N ASP B 311 -10.84 16.53 25.67
CA ASP B 311 -10.32 16.76 27.01
C ASP B 311 -8.85 17.20 26.96
N GLY B 314 -6.54 14.62 24.49
CA GLY B 314 -7.90 14.09 24.51
C GLY B 314 -8.11 12.56 24.51
N ASP B 315 -7.57 11.86 25.52
CA ASP B 315 -7.70 10.41 25.58
C ASP B 315 -9.11 9.95 25.96
N ARG B 316 -9.82 10.67 26.82
CA ARG B 316 -11.26 10.43 26.99
C ARG B 316 -12.01 11.21 25.92
N ASN B 317 -12.75 10.51 25.05
CA ASN B 317 -13.37 11.18 23.92
C ASN B 317 -14.67 10.47 23.51
N MET B 318 -15.60 11.26 22.96
CA MET B 318 -16.95 10.80 22.62
C MET B 318 -17.27 11.16 21.18
N ILE B 319 -17.81 10.20 20.44
CA ILE B 319 -18.34 10.44 19.10
C ILE B 319 -19.84 10.18 19.15
N LEU B 320 -20.62 11.03 18.48
CA LEU B 320 -22.08 10.95 18.55
C LEU B 320 -22.71 11.23 17.20
N GLY B 321 -23.84 10.57 16.91
CA GLY B 321 -24.53 10.76 15.66
C GLY B 321 -25.66 11.79 15.78
N LYS B 322 -26.35 12.04 14.66
CA LYS B 322 -27.55 12.87 14.70
C LYS B 322 -28.47 12.41 15.82
N HIS B 323 -29.11 13.38 16.49
CA HIS B 323 -30.07 13.14 17.56
C HIS B 323 -29.42 12.62 18.85
N GLY B 324 -28.17 12.17 18.76
CA GLY B 324 -27.46 11.71 19.94
C GLY B 324 -27.07 10.26 19.82
N PHE B 325 -26.97 9.76 18.59
CA PHE B 325 -26.66 8.35 18.37
C PHE B 325 -25.26 8.02 18.85
N PHE B 326 -25.15 7.11 19.82
CA PHE B 326 -23.85 6.79 20.39
C PHE B 326 -23.11 5.77 19.54
N VAL B 327 -21.85 6.08 19.22
CA VAL B 327 -20.97 5.17 18.50
C VAL B 327 -19.98 4.59 19.50
N ASN B 328 -19.97 3.28 19.58
CA ASN B 328 -19.08 2.58 20.49
C ASN B 328 -17.66 2.62 19.92
N PRO B 329 -16.68 3.11 20.67
CA PRO B 329 -15.28 3.07 20.22
C PRO B 329 -14.88 1.76 19.58
N SER B 330 -15.29 0.63 20.14
CA SER B 330 -14.90 -0.67 19.61
C SER B 330 -15.54 -0.91 18.26
N ASP B 331 -16.76 -0.35 18.05
CA ASP B 331 -17.42 -0.43 16.75
C ASP B 331 -16.82 0.58 15.76
N SER B 332 -16.38 1.75 16.22
CA SER B 332 -15.90 2.72 15.24
C SER B 332 -14.55 2.30 14.68
N VAL B 333 -13.74 1.57 15.46
CA VAL B 333 -12.54 0.95 14.90
C VAL B 333 -12.91 0.08 13.72
N ALA B 334 -14.06 -0.58 13.80
CA ALA B 334 -14.39 -1.59 12.80
C ALA B 334 -14.98 -0.94 11.55
N VAL B 335 -15.76 0.13 11.70
CA VAL B 335 -16.26 0.77 10.50
C VAL B 335 -15.12 1.47 9.79
N ILE B 336 -14.09 1.88 10.53
CA ILE B 336 -12.97 2.50 9.83
C ILE B 336 -12.16 1.43 9.13
N ALA B 337 -11.91 0.33 9.82
CA ALA B 337 -11.26 -0.80 9.17
C ALA B 337 -12.01 -1.22 7.91
N ALA B 338 -13.36 -1.27 7.98
CA ALA B 338 -14.13 -1.72 6.84
C ALA B 338 -14.23 -0.67 5.73
N ASN B 339 -13.91 0.59 6.01
CA ASN B 339 -13.90 1.64 5.01
C ASN B 339 -12.52 2.27 4.90
N ILE B 340 -11.49 1.54 5.31
CA ILE B 340 -10.14 2.09 5.45
C ILE B 340 -9.65 2.75 4.17
N PHE B 341 -10.06 2.24 3.00
CA PHE B 341 -9.42 2.73 1.77
C PHE B 341 -10.07 3.97 1.20
N SER B 342 -11.01 4.60 1.91
CA SER B 342 -11.42 5.93 1.50
C SER B 342 -10.54 7.01 2.12
N ILE B 343 -9.61 6.62 2.93
CA ILE B 343 -8.60 7.57 3.52
C ILE B 343 -7.38 7.48 2.67
N PRO B 344 -7.00 8.57 1.93
CA PRO B 344 -5.84 8.57 1.04
C PRO B 344 -4.57 7.91 1.58
N TYR B 345 -4.21 8.21 2.83
CA TYR B 345 -3.02 7.61 3.44
C TYR B 345 -3.00 6.09 3.32
N PHE B 346 -4.14 5.43 3.54
CA PHE B 346 -4.08 3.98 3.53
C PHE B 346 -4.03 3.44 2.11
N GLN B 347 -4.60 4.18 1.15
CA GLN B 347 -4.46 3.80 -0.26
C GLN B 347 -3.00 3.73 -0.69
N GLN B 348 -2.13 4.52 -0.06
CA GLN B 348 -0.73 4.53 -0.46
C GLN B 348 0.18 3.65 0.38
N THR B 349 -0.02 3.58 1.70
CA THR B 349 0.81 2.69 2.53
C THR B 349 0.37 1.24 2.47
N GLY B 350 -0.87 1.00 2.09
CA GLY B 350 -1.47 -0.30 2.29
C GLY B 350 -1.81 -0.48 3.76
N VAL B 351 -2.50 -1.56 4.05
CA VAL B 351 -2.88 -1.94 5.42
C VAL B 351 -1.87 -3.00 5.88
N ARG B 352 -0.80 -2.55 6.52
CA ARG B 352 0.22 -3.51 6.91
C ARG B 352 -0.26 -4.49 8.00
N GLY B 353 -1.38 -4.19 8.68
CA GLY B 353 -1.95 -5.05 9.71
C GLY B 353 -2.91 -4.31 10.61
N PHE B 354 -3.81 -5.08 11.26
CA PHE B 354 -4.77 -4.59 12.24
C PHE B 354 -4.40 -5.01 13.67
N ALA B 355 -4.71 -4.18 14.66
CA ALA B 355 -4.64 -4.67 16.03
C ALA B 355 -5.75 -4.07 16.87
N ARG B 356 -5.96 -4.69 18.04
CA ARG B 356 -6.86 -4.15 19.05
C ARG B 356 -6.39 -4.66 20.40
N SER B 357 -6.64 -3.87 21.45
CA SER B 357 -6.41 -4.37 22.80
C SER B 357 -7.39 -5.51 23.12
N MET B 358 -6.92 -6.44 23.93
CA MET B 358 -7.73 -7.62 24.25
C MET B 358 -9.12 -7.32 24.82
N PRO B 359 -9.32 -6.35 25.73
CA PRO B 359 -10.70 -6.07 26.19
C PRO B 359 -11.59 -5.44 25.13
N THR B 360 -11.01 -4.75 24.14
CA THR B 360 -11.79 -4.12 23.09
C THR B 360 -12.63 -5.17 22.37
N SER B 361 -13.87 -4.80 22.03
CA SER B 361 -14.78 -5.75 21.40
C SER B 361 -14.20 -6.29 20.09
N GLY B 362 -14.56 -7.53 19.77
CA GLY B 362 -14.03 -8.18 18.59
C GLY B 362 -14.80 -7.87 17.31
N ALA B 363 -15.36 -6.65 17.25
CA ALA B 363 -16.05 -6.22 16.04
C ALA B 363 -15.06 -6.02 14.91
N LEU B 364 -13.85 -5.57 15.24
CA LEU B 364 -12.76 -5.44 14.27
C LEU B 364 -12.25 -6.80 13.83
N ASP B 365 -12.36 -7.79 14.70
CA ASP B 365 -12.00 -9.13 14.30
C ASP B 365 -12.93 -9.59 13.19
N ARG B 366 -14.21 -9.18 13.24
CA ARG B 366 -15.13 -9.60 12.20
C ARG B 366 -14.73 -9.01 10.86
N VAL B 367 -14.17 -7.81 10.86
CA VAL B 367 -13.80 -7.16 9.61
C VAL B 367 -12.46 -7.65 9.11
N ALA B 368 -11.49 -7.80 10.00
CA ALA B 368 -10.20 -8.36 9.62
C ALA B 368 -10.33 -9.75 9.05
N SER B 369 -11.40 -10.47 9.40
CA SER B 369 -11.44 -11.88 9.03
C SER B 369 -11.72 -12.04 7.55
N ALA B 370 -12.38 -11.07 6.93
CA ALA B 370 -12.73 -11.08 5.52
C ALA B 370 -11.60 -10.59 4.63
N THR B 371 -10.42 -10.35 5.18
CA THR B 371 -9.27 -9.86 4.42
C THR B 371 -8.07 -10.71 4.80
N LYS B 372 -7.04 -10.71 3.94
CA LYS B 372 -5.82 -11.47 4.20
C LYS B 372 -4.90 -10.77 5.19
N ILE B 373 -5.44 -9.78 5.91
CA ILE B 373 -4.66 -8.91 6.79
C ILE B 373 -4.75 -9.42 8.23
N ALA B 374 -3.58 -9.63 8.83
CA ALA B 374 -3.43 -10.14 10.19
C ALA B 374 -4.09 -9.24 11.22
N LEU B 375 -4.62 -9.86 12.27
CA LEU B 375 -5.20 -9.14 13.40
C LEU B 375 -4.48 -9.56 14.67
N TYR B 376 -3.76 -8.61 15.26
CA TYR B 376 -3.07 -8.82 16.53
C TYR B 376 -3.97 -8.39 17.67
N GLU B 377 -3.75 -9.02 18.85
CA GLU B 377 -4.57 -8.76 20.04
C GLU B 377 -3.62 -8.62 21.20
N THR B 378 -3.55 -7.42 21.74
CA THR B 378 -2.47 -6.93 22.59
C THR B 378 -2.99 -6.57 23.98
N PRO B 379 -2.11 -6.57 24.99
CA PRO B 379 -2.48 -6.04 26.30
C PRO B 379 -2.79 -4.57 26.16
N THR B 380 -3.64 -4.09 27.08
CA THR B 380 -3.95 -2.67 27.16
C THR B 380 -2.66 -1.85 27.18
N GLY B 381 -2.74 -0.64 26.63
CA GLY B 381 -1.60 0.23 26.53
C GLY B 381 -1.32 0.57 25.09
N TRP B 382 -0.89 1.78 24.81
CA TRP B 382 -0.57 2.08 23.43
C TRP B 382 0.83 1.57 23.05
N LYS B 383 1.74 1.43 24.02
CA LYS B 383 3.13 1.03 23.72
C LYS B 383 3.18 -0.25 22.89
N PHE B 384 2.25 -1.17 23.15
CA PHE B 384 2.27 -2.47 22.49
C PHE B 384 1.98 -2.34 21.00
N PHE B 385 0.98 -1.52 20.64
CA PHE B 385 0.75 -1.15 19.25
C PHE B 385 2.01 -0.60 18.60
N GLY B 386 2.78 0.20 19.36
CA GLY B 386 3.90 0.91 18.77
C GLY B 386 4.94 -0.01 18.18
N ASN B 387 5.35 -1.03 18.96
CA ASN B 387 6.31 -2.01 18.45
C ASN B 387 5.82 -2.62 17.15
N LEU B 388 4.55 -3.03 17.10
CA LEU B 388 4.00 -3.62 15.89
C LEU B 388 4.09 -2.65 14.73
N MET B 389 3.71 -1.39 14.95
CA MET B 389 3.83 -0.37 13.91
C MET B 389 5.29 -0.20 13.46
N ASP B 390 6.23 -0.24 14.41
CA ASP B 390 7.63 -0.04 14.05
C ASP B 390 8.17 -1.18 13.20
N ALA B 391 7.66 -2.40 13.41
CA ALA B 391 8.04 -3.56 12.61
C ALA B 391 7.26 -3.65 11.32
N SER B 392 6.65 -2.55 10.88
CA SER B 392 5.92 -2.49 9.61
C SER B 392 4.86 -3.59 9.49
N LYS B 393 4.21 -3.91 10.62
CA LYS B 393 3.18 -4.93 10.69
C LYS B 393 1.82 -4.41 11.16
N LEU B 394 1.69 -3.13 11.47
CA LEU B 394 0.42 -2.61 11.97
C LEU B 394 0.15 -1.22 11.40
N SER B 395 -1.08 -0.99 10.99
CA SER B 395 -1.52 0.21 10.31
C SER B 395 -2.74 0.85 10.95
N LEU B 396 -3.73 0.05 11.33
CA LEU B 396 -4.93 0.51 12.02
C LEU B 396 -5.07 -0.25 13.33
N CYS B 397 -5.46 0.45 14.39
CA CYS B 397 -5.54 -0.20 15.69
C CYS B 397 -6.62 0.50 16.50
N GLY B 398 -7.08 -0.19 17.55
CA GLY B 398 -8.20 0.26 18.34
C GLY B 398 -8.11 -0.10 19.81
N GLU B 399 -8.54 0.83 20.66
CA GLU B 399 -8.55 0.66 22.11
C GLU B 399 -9.87 1.21 22.61
N GLU B 400 -10.71 0.32 23.17
CA GLU B 400 -11.95 0.77 23.81
C GLU B 400 -11.75 1.99 24.71
N SER B 401 -10.65 2.04 25.46
CA SER B 401 -10.25 3.20 26.26
C SER B 401 -10.26 4.53 25.50
N PHE B 402 -10.37 4.47 24.18
CA PHE B 402 -10.11 5.61 23.30
C PHE B 402 -10.97 5.42 22.05
N GLY B 403 -10.38 5.44 20.86
CA GLY B 403 -11.03 5.01 19.64
C GLY B 403 -9.99 4.42 18.72
N THR B 404 -9.88 4.93 17.50
CA THR B 404 -9.01 4.40 16.46
C THR B 404 -7.71 5.20 16.31
N GLY B 405 -6.66 4.49 15.89
CA GLY B 405 -5.38 5.12 15.61
C GLY B 405 -4.69 4.45 14.44
N SER B 406 -3.55 5.00 14.04
CA SER B 406 -2.83 4.47 12.88
C SER B 406 -1.33 4.60 13.09
N ASP B 407 -0.57 4.03 12.14
CA ASP B 407 0.88 4.21 12.18
C ASP B 407 1.34 5.55 11.60
N HIS B 408 0.50 6.59 11.60
CA HIS B 408 0.99 7.86 11.13
C HIS B 408 1.88 8.53 12.18
N ILE B 409 1.55 8.35 13.46
CA ILE B 409 2.47 8.69 14.53
C ILE B 409 2.58 7.48 15.44
N ARG B 410 3.04 7.71 16.67
CA ARG B 410 3.16 6.67 17.68
C ARG B 410 2.48 7.10 18.97
N GLU B 411 1.36 7.82 18.84
CA GLU B 411 0.55 8.26 19.97
C GLU B 411 -0.90 8.24 19.54
N LYS B 412 -1.80 8.44 20.50
CA LYS B 412 -3.22 8.59 20.20
C LYS B 412 -3.47 9.97 19.56
N ASP B 413 -4.58 10.08 18.83
CA ASP B 413 -4.85 11.30 18.07
C ASP B 413 -6.35 11.38 17.76
N VAL B 414 -7.09 12.13 18.57
CA VAL B 414 -8.54 12.25 18.40
C VAL B 414 -8.87 12.93 17.07
N LEU B 415 -8.24 14.08 16.79
CA LEU B 415 -8.60 14.80 15.57
C LEU B 415 -8.40 13.91 14.35
N TRP B 416 -7.30 13.12 14.35
CA TRP B 416 -7.14 12.07 13.34
C TRP B 416 -8.42 11.24 13.25
N ALA B 417 -8.89 10.75 14.40
CA ALA B 417 -10.00 9.80 14.38
C ALA B 417 -11.30 10.46 13.94
N VAL B 418 -11.46 11.76 14.22
CA VAL B 418 -12.61 12.50 13.73
C VAL B 418 -12.52 12.67 12.23
N LEU B 419 -11.35 13.07 11.75
CA LEU B 419 -11.18 13.26 10.32
C LEU B 419 -11.39 11.96 9.56
N ALA B 420 -11.07 10.83 10.19
CA ALA B 420 -11.34 9.53 9.58
C ALA B 420 -12.82 9.27 9.47
N TRP B 421 -13.59 9.59 10.51
CA TRP B 421 -15.05 9.52 10.36
C TRP B 421 -15.56 10.47 9.28
N LEU B 422 -15.11 11.73 9.32
CA LEU B 422 -15.55 12.68 8.31
C LEU B 422 -15.15 12.22 6.92
N SER B 423 -14.04 11.50 6.81
CA SER B 423 -13.65 11.01 5.49
C SER B 423 -14.59 9.91 5.01
N ILE B 424 -15.01 9.00 5.90
CA ILE B 424 -15.92 7.94 5.50
C ILE B 424 -17.31 8.50 5.23
N LEU B 425 -17.83 9.33 6.14
CA LEU B 425 -19.04 10.08 5.84
C LEU B 425 -18.97 10.69 4.44
N ALA B 426 -17.85 11.36 4.15
CA ALA B 426 -17.76 12.11 2.88
C ALA B 426 -17.94 11.18 1.68
N THR B 427 -17.37 9.98 1.73
CA THR B 427 -17.45 9.14 0.54
C THR B 427 -18.66 8.21 0.53
N ARG B 428 -19.27 7.92 1.68
CA ARG B 428 -20.44 7.07 1.70
C ARG B 428 -21.74 7.85 1.56
N LYS B 429 -21.72 9.16 1.81
CA LYS B 429 -22.90 10.03 1.64
C LYS B 429 -24.13 9.43 2.34
N GLN B 430 -23.89 8.64 3.37
CA GLN B 430 -24.92 8.18 4.28
C GLN B 430 -24.71 8.87 5.62
N SER B 431 -25.65 8.67 6.52
CA SER B 431 -25.53 9.24 7.84
C SER B 431 -24.63 8.39 8.71
N VAL B 432 -24.23 8.94 9.86
CA VAL B 432 -23.50 8.13 10.82
C VAL B 432 -24.33 6.90 11.18
N GLU B 433 -25.57 7.11 11.63
CA GLU B 433 -26.40 5.99 12.10
C GLU B 433 -26.67 4.97 11.00
N ASP B 434 -26.89 5.42 9.77
CA ASP B 434 -27.06 4.48 8.66
C ASP B 434 -25.78 3.71 8.38
N ILE B 435 -24.62 4.31 8.65
CA ILE B 435 -23.36 3.61 8.43
C ILE B 435 -23.21 2.45 9.39
N LEU B 436 -23.77 2.57 10.60
CA LEU B 436 -23.64 1.48 11.56
C LEU B 436 -24.68 0.40 11.34
N LYS B 437 -25.96 0.78 11.17
CA LYS B 437 -27.00 -0.21 10.85
C LYS B 437 -26.58 -1.06 9.66
N ASP B 438 -25.75 -0.50 8.79
CA ASP B 438 -25.21 -1.21 7.64
C ASP B 438 -24.04 -2.11 8.04
N HIS B 439 -23.18 -1.63 8.94
CA HIS B 439 -22.10 -2.48 9.45
C HIS B 439 -22.68 -3.66 10.21
N TRP B 440 -23.82 -3.44 10.89
CA TRP B 440 -24.42 -4.46 11.72
C TRP B 440 -25.18 -5.51 10.94
N GLN B 441 -25.53 -5.24 9.69
CA GLN B 441 -26.12 -6.25 8.82
C GLN B 441 -25.04 -7.03 8.09
N LYS B 442 -24.05 -6.32 7.52
CA LYS B 442 -22.98 -7.02 6.80
C LYS B 442 -22.22 -7.97 7.73
N TYR B 443 -21.99 -7.54 8.97
CA TYR B 443 -21.08 -8.23 9.88
C TYR B 443 -21.73 -8.78 11.14
N GLY B 444 -22.93 -8.37 11.47
CA GLY B 444 -23.31 -8.64 12.84
C GLY B 444 -22.81 -7.55 13.77
N ARG B 445 -23.57 -7.34 14.85
CA ARG B 445 -23.24 -6.35 15.86
C ARG B 445 -22.57 -7.01 17.05
N ASN B 446 -21.56 -6.32 17.61
CA ASN B 446 -20.94 -6.68 18.88
C ASN B 446 -21.42 -5.66 19.90
N PHE B 447 -22.56 -5.95 20.52
CA PHE B 447 -23.05 -5.16 21.64
C PHE B 447 -21.99 -5.17 22.71
N PHE B 448 -21.57 -3.98 23.13
CA PHE B 448 -20.42 -3.90 24.02
C PHE B 448 -20.61 -2.77 25.02
N THR B 449 -20.12 -3.00 26.24
CA THR B 449 -20.17 -2.05 27.34
C THR B 449 -19.05 -2.40 28.30
N ARG B 450 -18.66 -1.43 29.14
CA ARG B 450 -17.70 -1.72 30.21
C ARG B 450 -18.20 -1.09 31.52
N TYR B 451 -18.86 -1.95 32.31
CA TYR B 451 -19.12 -1.72 33.72
C TYR B 451 -17.80 -1.60 34.48
N ASP B 452 -17.60 -0.48 35.17
CA ASP B 452 -16.51 -0.37 36.13
C ASP B 452 -17.05 -0.33 37.57
N TYR B 453 -16.14 -0.43 38.53
CA TYR B 453 -16.51 -0.49 39.95
C TYR B 453 -15.51 0.24 40.84
N ALA B 461 -11.64 -8.71 46.55
CA ALA B 461 -11.72 -8.83 45.09
C ALA B 461 -10.47 -9.45 44.47
N ASN B 462 -9.38 -9.45 45.25
CA ASN B 462 -8.20 -10.20 44.85
C ASN B 462 -8.51 -11.69 44.82
N LYS B 463 -9.33 -12.15 45.76
CA LYS B 463 -9.84 -13.52 45.73
C LYS B 463 -10.92 -13.70 44.67
N MET B 464 -11.53 -12.61 44.20
CA MET B 464 -12.68 -12.72 43.31
C MET B 464 -12.32 -13.46 42.03
N MET B 465 -11.13 -13.20 41.49
CA MET B 465 -10.68 -13.85 40.27
C MET B 465 -9.60 -14.91 40.50
N LYS B 466 -8.98 -14.94 41.68
CA LYS B 466 -8.14 -16.08 41.99
C LYS B 466 -8.99 -17.34 42.14
N ASP B 467 -10.27 -17.16 42.52
CA ASP B 467 -11.27 -18.22 42.45
C ASP B 467 -11.90 -18.31 41.07
N LEU B 468 -11.74 -17.29 40.22
CA LEU B 468 -12.19 -17.42 38.84
C LEU B 468 -11.18 -18.19 38.00
N GLU B 469 -9.88 -17.88 38.14
CA GLU B 469 -8.88 -18.65 37.41
C GLU B 469 -8.93 -20.11 37.81
N ALA B 470 -9.31 -20.40 39.06
CA ALA B 470 -9.40 -21.78 39.54
C ALA B 470 -10.62 -22.50 38.98
N LEU B 471 -11.72 -21.78 38.72
CA LEU B 471 -12.94 -22.37 38.17
C LEU B 471 -12.97 -22.34 36.65
N MET B 472 -12.22 -21.43 36.01
CA MET B 472 -12.10 -21.41 34.56
C MET B 472 -11.10 -22.45 34.04
N PHE B 473 -10.15 -22.89 34.88
CA PHE B 473 -9.22 -23.95 34.54
C PHE B 473 -9.59 -25.28 35.19
N ASP B 474 -10.88 -25.55 35.34
CA ASP B 474 -11.38 -26.81 35.87
C ASP B 474 -11.30 -27.89 34.78
N ARG B 475 -11.68 -29.11 35.14
CA ARG B 475 -11.53 -30.25 34.23
C ARG B 475 -12.53 -30.17 33.07
N SER B 476 -13.83 -30.15 33.38
CA SER B 476 -14.88 -30.18 32.37
C SER B 476 -15.49 -28.79 32.13
N PHE B 477 -14.81 -27.72 32.54
CA PHE B 477 -15.45 -26.40 32.52
C PHE B 477 -15.59 -25.84 31.11
N VAL B 478 -14.65 -26.12 30.23
CA VAL B 478 -14.87 -25.84 28.81
C VAL B 478 -16.04 -26.72 28.34
N GLY B 479 -17.00 -26.10 27.67
CA GLY B 479 -18.20 -26.80 27.25
C GLY B 479 -19.38 -26.72 28.23
N LYS B 480 -19.15 -26.32 29.48
CA LYS B 480 -20.27 -26.04 30.38
C LYS B 480 -21.19 -25.00 29.74
N GLN B 481 -22.50 -25.15 29.97
CA GLN B 481 -23.50 -24.29 29.36
C GLN B 481 -24.11 -23.39 30.42
N PHE B 482 -24.19 -22.10 30.11
CA PHE B 482 -24.80 -21.10 30.99
C PHE B 482 -25.96 -20.47 30.23
N SER B 483 -27.16 -20.57 30.80
CA SER B 483 -28.39 -20.14 30.14
C SER B 483 -28.97 -18.94 30.87
N ALA B 484 -29.22 -17.87 30.12
CA ALA B 484 -29.70 -16.59 30.66
C ALA B 484 -30.92 -16.16 29.86
N ASN B 485 -32.03 -15.91 30.56
CA ASN B 485 -33.26 -15.47 29.91
C ASN B 485 -33.75 -16.56 28.98
N ASP B 486 -33.53 -16.36 27.69
CA ASP B 486 -33.77 -17.36 26.68
C ASP B 486 -32.51 -17.85 25.98
N LYS B 487 -31.38 -17.14 26.11
CA LYS B 487 -30.14 -17.50 25.43
C LYS B 487 -29.41 -18.63 26.17
N VAL B 488 -28.55 -19.34 25.44
CA VAL B 488 -27.81 -20.47 26.00
C VAL B 488 -26.36 -20.40 25.54
N TYR B 489 -25.53 -19.59 26.19
CA TYR B 489 -24.14 -19.39 25.80
C TYR B 489 -23.29 -20.41 26.55
N THR B 490 -22.43 -21.11 25.80
CA THR B 490 -21.63 -22.19 26.35
C THR B 490 -20.15 -21.94 26.05
N VAL B 491 -19.30 -22.38 26.99
CA VAL B 491 -17.88 -22.00 27.02
C VAL B 491 -17.10 -22.79 25.97
N GLU B 492 -16.45 -22.07 25.04
CA GLU B 492 -15.54 -22.68 24.07
C GLU B 492 -14.08 -22.59 24.47
N LYS B 493 -13.65 -21.42 24.91
CA LYS B 493 -12.34 -21.24 25.51
C LYS B 493 -12.52 -20.42 26.77
N ALA B 494 -11.59 -20.57 27.68
CA ALA B 494 -11.55 -19.73 28.86
C ALA B 494 -10.14 -19.85 29.41
N ASP B 495 -9.59 -18.72 29.83
CA ASP B 495 -8.26 -18.72 30.43
C ASP B 495 -7.98 -17.33 30.97
N ASN B 496 -6.71 -17.04 31.14
CA ASN B 496 -6.21 -15.70 31.47
C ASN B 496 -5.24 -15.32 30.37
N PHE B 497 -5.19 -14.03 30.03
CA PHE B 497 -4.49 -13.55 28.85
C PHE B 497 -3.04 -13.17 29.18
N GLU B 498 -2.10 -13.75 28.44
CA GLU B 498 -0.70 -13.36 28.43
C GLU B 498 -0.30 -12.94 27.02
N TYR B 499 0.80 -12.19 26.94
CA TYR B 499 1.22 -11.62 25.68
C TYR B 499 2.74 -11.52 25.67
N SER B 500 3.37 -12.30 24.80
CA SER B 500 4.77 -12.14 24.48
C SER B 500 4.91 -11.19 23.29
N ASP B 501 5.56 -10.06 23.52
CA ASP B 501 5.67 -9.01 22.52
C ASP B 501 6.76 -9.40 21.52
N PRO B 502 6.44 -9.48 20.23
CA PRO B 502 7.38 -10.02 19.25
C PRO B 502 8.50 -9.09 18.81
N VAL B 503 8.66 -7.91 19.40
CA VAL B 503 9.69 -6.98 18.97
C VAL B 503 10.71 -6.72 20.07
N ASP B 504 10.26 -6.71 21.33
CA ASP B 504 11.18 -6.64 22.47
C ASP B 504 11.29 -7.98 23.20
N GLY B 505 10.60 -9.02 22.74
CA GLY B 505 10.65 -10.31 23.37
C GLY B 505 10.15 -10.32 24.80
N SER B 506 9.60 -9.20 25.26
CA SER B 506 9.17 -9.07 26.64
C SER B 506 7.95 -9.95 26.93
N ILE B 507 7.63 -10.09 28.20
CA ILE B 507 6.51 -10.89 28.64
C ILE B 507 5.62 -10.04 29.53
N SER B 508 4.31 -10.08 29.26
CA SER B 508 3.28 -9.45 30.10
C SER B 508 2.29 -10.55 30.46
N ARG B 509 2.38 -11.07 31.68
CA ARG B 509 1.48 -12.12 32.12
C ARG B 509 0.34 -11.54 32.97
N ASN B 510 -0.74 -12.32 33.05
CA ASN B 510 -1.95 -11.94 33.77
C ASN B 510 -2.45 -10.57 33.34
N GLN B 511 -3.22 -10.51 32.25
CA GLN B 511 -3.86 -9.28 31.79
C GLN B 511 -5.38 -9.36 31.83
N GLY B 512 -5.95 -10.38 32.47
CA GLY B 512 -7.38 -10.45 32.63
C GLY B 512 -7.98 -11.71 32.07
N LEU B 513 -8.94 -12.30 32.77
CA LEU B 513 -9.49 -13.59 32.35
C LEU B 513 -10.59 -13.42 31.31
N ARG B 514 -10.52 -14.24 30.25
CA ARG B 514 -11.50 -14.25 29.18
C ARG B 514 -12.34 -15.52 29.23
N LEU B 515 -13.63 -15.38 28.97
CA LEU B 515 -14.50 -16.53 28.72
C LEU B 515 -15.10 -16.32 27.34
N ILE B 516 -14.69 -17.16 26.40
CA ILE B 516 -15.20 -17.10 25.03
C ILE B 516 -16.31 -18.12 24.89
N PHE B 517 -17.42 -17.72 24.27
CA PHE B 517 -18.63 -18.50 24.16
C PHE B 517 -18.85 -18.96 22.71
N THR B 518 -19.93 -19.73 22.51
CA THR B 518 -20.20 -20.36 21.21
C THR B 518 -20.34 -19.34 20.08
N ASP B 519 -21.00 -18.22 20.37
CA ASP B 519 -21.44 -17.28 19.34
C ASP B 519 -20.28 -16.51 18.72
N GLY B 520 -19.20 -16.32 19.47
CA GLY B 520 -18.23 -15.26 19.19
C GLY B 520 -18.28 -14.15 20.21
N SER B 521 -19.01 -14.36 21.31
CA SER B 521 -19.20 -13.40 22.38
C SER B 521 -18.36 -13.79 23.59
N ARG B 522 -17.89 -12.76 24.31
CA ARG B 522 -16.91 -12.93 25.37
C ARG B 522 -17.32 -12.14 26.60
N ILE B 523 -16.73 -12.51 27.73
CA ILE B 523 -16.75 -11.74 28.96
C ILE B 523 -15.32 -11.65 29.43
N VAL B 524 -14.85 -10.45 29.79
CA VAL B 524 -13.49 -10.30 30.28
C VAL B 524 -13.47 -9.47 31.56
N PHE B 525 -12.65 -9.90 32.52
CA PHE B 525 -12.44 -9.24 33.80
C PHE B 525 -10.99 -8.78 33.90
N ARG B 526 -10.79 -7.51 34.24
CA ARG B 526 -9.44 -6.97 34.33
C ARG B 526 -9.46 -5.83 35.33
N LEU B 527 -8.50 -5.80 36.26
CA LEU B 527 -8.48 -4.85 37.38
C LEU B 527 -7.22 -3.99 37.33
N SER B 528 -7.39 -2.69 37.05
CA SER B 528 -6.27 -1.73 37.01
C SER B 528 -5.83 -1.30 38.41
N THR B 536 -10.17 -0.82 41.61
CA THR B 536 -10.92 -0.62 40.36
C THR B 536 -11.21 -1.93 39.63
N ILE B 537 -12.47 -2.35 39.60
CA ILE B 537 -12.89 -3.55 38.89
C ILE B 537 -13.56 -3.13 37.58
N ARG B 538 -13.14 -3.74 36.47
CA ARG B 538 -13.66 -3.43 35.14
C ARG B 538 -14.15 -4.72 34.50
N LEU B 539 -15.47 -4.84 34.33
CA LEU B 539 -16.04 -5.92 33.53
C LEU B 539 -16.25 -5.42 32.09
N TYR B 540 -16.14 -6.35 31.13
CA TYR B 540 -16.46 -6.06 29.74
C TYR B 540 -17.35 -7.18 29.22
N ILE B 541 -18.55 -6.83 28.77
CA ILE B 541 -19.43 -7.77 28.10
C ILE B 541 -19.36 -7.47 26.61
N ASP B 542 -19.31 -8.53 25.77
CA ASP B 542 -19.14 -8.42 24.31
C ASP B 542 -20.11 -9.44 23.71
N SER B 543 -21.38 -9.07 23.58
CA SER B 543 -22.42 -9.98 23.09
C SER B 543 -22.58 -9.83 21.59
N TYR B 544 -22.40 -10.92 20.86
CA TYR B 544 -22.63 -10.96 19.43
C TYR B 544 -24.04 -11.51 19.13
N GLU B 545 -24.79 -10.76 18.31
CA GLU B 545 -26.05 -11.22 17.74
C GLU B 545 -25.95 -11.10 16.23
N LYS B 546 -26.32 -12.17 15.52
CA LYS B 546 -26.15 -12.23 14.07
C LYS B 546 -27.44 -12.17 13.27
N ASP B 547 -28.59 -12.40 13.91
CA ASP B 547 -29.87 -12.33 13.22
C ASP B 547 -30.31 -10.88 13.09
N VAL B 548 -30.86 -10.54 11.91
CA VAL B 548 -31.34 -9.18 11.66
C VAL B 548 -32.32 -8.75 12.72
N ALA B 549 -33.04 -9.71 13.30
CA ALA B 549 -34.03 -9.39 14.32
C ALA B 549 -33.38 -8.76 15.55
N LYS B 550 -32.21 -9.25 15.94
CA LYS B 550 -31.64 -8.81 17.20
C LYS B 550 -30.70 -7.61 17.05
N ILE B 551 -30.10 -7.39 15.86
CA ILE B 551 -28.96 -6.48 15.68
C ILE B 551 -29.23 -5.05 16.13
N ASN B 552 -30.48 -4.69 16.30
CA ASN B 552 -30.79 -3.30 16.61
C ASN B 552 -31.78 -3.12 17.76
N GLN B 553 -31.70 -3.95 18.81
CA GLN B 553 -32.44 -3.58 20.00
C GLN B 553 -31.52 -2.87 20.99
N ASP B 554 -32.04 -2.57 22.17
CA ASP B 554 -31.39 -1.53 22.98
C ASP B 554 -30.22 -2.09 23.79
N PRO B 555 -28.97 -1.72 23.45
CA PRO B 555 -27.77 -2.37 24.02
C PRO B 555 -27.87 -2.93 25.44
N GLN B 556 -28.25 -2.12 26.43
CA GLN B 556 -28.31 -2.60 27.81
C GLN B 556 -29.36 -3.71 28.02
N VAL B 557 -30.21 -3.96 27.03
CA VAL B 557 -31.20 -5.03 27.12
C VAL B 557 -30.64 -6.36 26.63
N MET B 558 -29.97 -6.43 25.45
CA MET B 558 -29.35 -7.73 25.07
C MET B 558 -27.94 -7.90 25.59
N LEU B 559 -27.40 -6.96 26.38
CA LEU B 559 -26.27 -7.28 27.24
C LEU B 559 -26.72 -7.74 28.62
N ALA B 560 -28.02 -7.61 28.92
CA ALA B 560 -28.56 -8.09 30.19
C ALA B 560 -28.40 -9.59 30.40
N PRO B 561 -28.64 -10.50 29.39
CA PRO B 561 -28.32 -11.91 29.61
C PRO B 561 -26.92 -12.13 30.19
N LEU B 562 -25.86 -11.61 29.53
CA LEU B 562 -24.49 -11.94 29.95
C LEU B 562 -23.89 -11.00 30.97
N ILE B 563 -24.45 -9.81 31.21
CA ILE B 563 -24.27 -9.24 32.52
C ILE B 563 -24.73 -10.23 33.58
N SER B 564 -25.95 -10.79 33.41
CA SER B 564 -26.51 -11.67 34.43
C SER B 564 -25.65 -12.93 34.63
N ILE B 565 -25.09 -13.48 33.56
CA ILE B 565 -24.19 -14.61 33.72
C ILE B 565 -22.82 -14.16 34.21
N ALA B 566 -22.43 -12.91 33.92
CA ALA B 566 -21.13 -12.41 34.38
C ALA B 566 -21.09 -12.32 35.90
N LEU B 567 -22.18 -11.89 36.51
CA LEU B 567 -22.16 -11.76 37.97
C LEU B 567 -22.46 -13.10 38.66
N LYS B 568 -23.19 -14.01 38.01
CA LYS B 568 -23.59 -15.26 38.65
C LYS B 568 -22.43 -16.23 38.79
N VAL B 569 -21.48 -16.20 37.86
CA VAL B 569 -20.31 -17.09 37.92
C VAL B 569 -19.16 -16.46 38.70
N SER B 570 -18.88 -15.16 38.49
CA SER B 570 -17.75 -14.52 39.16
C SER B 570 -18.02 -14.21 40.62
N GLN B 571 -19.24 -14.48 41.09
CA GLN B 571 -19.73 -14.07 42.40
C GLN B 571 -19.31 -12.63 42.64
N LEU B 572 -19.44 -11.79 41.60
CA LEU B 572 -19.01 -10.40 41.72
C LEU B 572 -19.70 -9.78 42.92
N GLN B 573 -21.04 -9.71 42.89
CA GLN B 573 -21.85 -9.10 43.94
C GLN B 573 -21.63 -9.59 45.38
N GLU B 574 -20.69 -10.50 45.61
CA GLU B 574 -20.41 -11.01 46.96
C GLU B 574 -19.09 -10.48 47.51
N ARG B 575 -17.97 -10.69 46.80
CA ARG B 575 -16.70 -10.13 47.26
C ARG B 575 -16.59 -8.62 47.01
N THR B 576 -17.68 -7.94 46.64
CA THR B 576 -17.64 -6.50 46.41
C THR B 576 -18.50 -5.72 47.40
N GLY B 577 -19.81 -5.92 47.41
CA GLY B 577 -20.75 -5.05 48.09
C GLY B 577 -21.51 -4.11 47.19
N ARG B 578 -21.55 -4.37 45.88
CA ARG B 578 -22.23 -3.44 44.96
C ARG B 578 -23.10 -4.10 43.88
N PRO B 581 -23.42 -0.45 39.17
CA PRO B 581 -22.04 -0.11 38.80
C PRO B 581 -21.68 1.36 39.02
N THR B 582 -20.38 1.61 39.22
CA THR B 582 -19.91 2.96 39.48
C THR B 582 -19.96 3.82 38.22
N VAL B 583 -19.34 3.34 37.14
CA VAL B 583 -19.46 3.97 35.82
C VAL B 583 -19.89 2.91 34.80
N ILE B 584 -20.85 3.27 33.96
CA ILE B 584 -21.32 2.43 32.87
C ILE B 584 -21.05 3.20 31.61
N THR B 585 -20.22 2.65 30.73
CA THR B 585 -19.94 3.32 29.44
C THR B 585 -19.88 2.38 28.23
S SO4 C . 5.55 -0.76 -31.26
O1 SO4 C . 6.07 -1.77 -30.35
O2 SO4 C . 4.11 -0.56 -31.02
O3 SO4 C . 5.78 -1.22 -32.63
O4 SO4 C . 6.28 0.48 -31.03
#